data_6PNF
#
_entry.id   6PNF
#
_cell.length_a   52.070
_cell.length_b   124.460
_cell.length_c   165.300
_cell.angle_alpha   90.00
_cell.angle_beta   90.00
_cell.angle_gamma   90.00
#
_symmetry.space_group_name_H-M   'P 21 21 21'
#
loop_
_entity.id
_entity.type
_entity.pdbx_description
1 polymer 'Nitric oxide synthase, brain'
2 non-polymer 'PROTOPORPHYRIN IX CONTAINING FE'
3 non-polymer 5,6,7,8-TETRAHYDROBIOPTERIN
4 non-polymer 7-[3-(aminomethyl)-4-ethoxyphenyl]-4-methylquinolin-2-amine
5 non-polymer 'ZINC ION'
6 non-polymer GLYCEROL
7 water water
#
_entity_poly.entity_id   1
_entity_poly.type   'polypeptide(L)'
_entity_poly.pdbx_seq_one_letter_code
;CPRFLKVKNWETEVVLTDTLHLKSTLETGCTEYICMGSIMHPSQHARRPEDVATKDQLFPLAKEFIDQYYSSIKRFGSKA
HMERLEEVNKEIDTTSTYQLKDTELIYGAKHAWRNASRCVGRIQWSKLQVFDARDCTTAHGMFNYICNHVKYATNKGNLR
SAITIFPQRTDGKHDFRVWNSQLIRYAGYKQPDGSTLGDPANVQFTEICIQQGWKPPRGRFDVLPLLLQANGNDPELFQI
PPELVLEVPIRHPKFEWFKDLGLKWYGLPAVSNMLLEIGGLEFSACPFSGWYMGTEIGVRDYCDNSRYNILEEVAKKMNL
DMRKTSSLWKDQALVEINIAVLYSFQSDKVTIVDHHSATESFIKHMENEYRCRGGCPADWVWIVPPMSGSITPVFHQEML
NYRLTPSFEYQPDPWNTHVWK
;
_entity_poly.pdbx_strand_id   A,B
#
loop_
_chem_comp.id
_chem_comp.type
_chem_comp.name
_chem_comp.formula
GOL non-polymer GLYCEROL 'C3 H8 O3'
H4B non-polymer 5,6,7,8-TETRAHYDROBIOPTERIN 'C9 H15 N5 O3'
HEM non-polymer 'PROTOPORPHYRIN IX CONTAINING FE' 'C34 H32 Fe N4 O4'
OSJ non-polymer 7-[3-(aminomethyl)-4-ethoxyphenyl]-4-methylquinolin-2-amine 'C19 H21 N3 O'
ZN non-polymer 'ZINC ION' 'Zn 2'
#
# COMPACT_ATOMS: atom_id res chain seq x y z
N CYS A 1 10.88 -5.49 21.28
CA CYS A 1 11.04 -4.15 20.72
C CYS A 1 12.17 -3.37 21.42
N PRO A 2 12.68 -2.33 20.75
CA PRO A 2 13.50 -1.32 21.42
C PRO A 2 12.66 -0.10 21.77
N ARG A 3 13.23 0.83 22.53
CA ARG A 3 12.46 1.98 23.02
C ARG A 3 12.11 2.97 21.90
N PHE A 4 12.98 3.09 20.90
CA PHE A 4 12.78 4.08 19.84
C PHE A 4 12.67 3.43 18.47
N LEU A 5 11.81 3.99 17.63
CA LEU A 5 11.67 3.54 16.26
C LEU A 5 11.57 4.75 15.34
N LYS A 6 12.36 4.78 14.27
CA LYS A 6 12.34 5.93 13.38
C LYS A 6 11.58 5.65 12.10
N VAL A 7 10.88 6.67 11.59
CA VAL A 7 10.28 6.62 10.26
C VAL A 7 10.78 7.80 9.44
N LYS A 8 10.91 7.58 8.14
CA LYS A 8 11.47 8.59 7.25
C LYS A 8 10.52 8.89 6.11
N ASN A 9 10.46 10.16 5.72
CA ASN A 9 9.76 10.55 4.52
C ASN A 9 10.75 10.68 3.38
N TRP A 10 10.56 9.89 2.32
CA TRP A 10 11.56 9.82 1.25
C TRP A 10 11.47 10.98 0.26
N GLU A 11 10.40 11.76 0.36
CA GLU A 11 10.25 12.92 -0.52
C GLU A 11 10.86 14.18 0.10
N THR A 12 10.84 14.27 1.43
CA THR A 12 11.31 15.47 2.11
C THR A 12 12.46 15.21 3.08
N GLU A 13 12.81 13.92 3.22
CA GLU A 13 13.87 13.45 4.13
C GLU A 13 13.58 13.62 5.64
N VAL A 14 12.44 14.19 6.00
CA VAL A 14 12.09 14.35 7.41
C VAL A 14 12.04 13.00 8.15
N VAL A 15 12.70 12.94 9.30
CA VAL A 15 12.69 11.72 10.12
C VAL A 15 11.97 11.92 11.47
N LEU A 16 11.08 10.98 11.80
CA LEU A 16 10.29 11.05 13.03
C LEU A 16 10.56 9.86 13.93
N THR A 17 10.54 10.09 15.24
CA THR A 17 10.85 9.05 16.19
C THR A 17 9.60 8.64 16.97
N ASP A 18 9.28 7.36 16.90
CA ASP A 18 8.09 6.82 17.55
C ASP A 18 8.45 6.21 18.89
N THR A 19 7.81 6.68 19.96
CA THR A 19 7.88 6.01 21.26
C THR A 19 6.52 5.48 21.71
N LEU A 20 5.46 6.04 21.14
CA LEU A 20 4.11 5.64 21.50
C LEU A 20 3.83 4.14 21.31
N HIS A 21 4.57 3.50 20.41
CA HIS A 21 4.36 2.09 20.08
C HIS A 21 4.54 1.17 21.29
N LEU A 22 5.14 1.70 22.35
CA LEU A 22 5.34 0.91 23.55
C LEU A 22 4.00 0.70 24.28
N LYS A 23 3.03 1.56 24.00
CA LYS A 23 1.71 1.43 24.60
C LYS A 23 0.80 0.53 23.77
N SER A 24 1.37 -0.09 22.75
CA SER A 24 0.64 -1.03 21.88
C SER A 24 0.03 -2.17 22.69
N THR A 25 -1.16 -2.65 22.31
CA THR A 25 -1.89 -3.57 23.17
C THR A 25 -2.11 -4.96 22.58
N LEU A 26 -2.81 -5.03 21.46
CA LEU A 26 -3.15 -6.31 20.84
C LEU A 26 -2.15 -6.66 19.75
N GLU A 27 -2.37 -7.83 19.14
CA GLU A 27 -1.51 -8.33 18.08
C GLU A 27 -1.88 -7.72 16.73
N THR A 28 -0.98 -7.86 15.75
CA THR A 28 -1.18 -7.30 14.42
C THR A 28 -1.43 -8.40 13.39
N GLY A 29 -1.08 -9.63 13.74
CA GLY A 29 -1.08 -10.71 12.77
C GLY A 29 0.33 -10.94 12.21
N CYS A 30 1.17 -9.91 12.31
CA CYS A 30 2.54 -10.02 11.84
C CYS A 30 3.41 -10.71 12.86
N THR A 31 4.47 -11.38 12.38
CA THR A 31 5.54 -11.89 13.25
C THR A 31 6.91 -11.44 12.75
N GLU A 32 7.95 -11.97 13.37
CA GLU A 32 9.30 -11.69 12.94
C GLU A 32 9.53 -12.26 11.54
N TYR A 33 8.74 -13.27 11.17
CA TYR A 33 8.98 -14.00 9.93
C TYR A 33 7.87 -13.92 8.89
N ILE A 34 6.87 -13.07 9.13
CA ILE A 34 5.81 -12.87 8.13
C ILE A 34 5.04 -11.60 8.41
N CYS A 35 4.65 -10.90 7.36
CA CYS A 35 3.90 -9.66 7.51
C CYS A 35 2.52 -9.79 6.87
N MET A 36 1.49 -9.33 7.59
CA MET A 36 0.15 -9.45 7.08
C MET A 36 -0.49 -8.11 6.81
N GLY A 37 0.33 -7.11 6.53
CA GLY A 37 -0.14 -5.75 6.33
C GLY A 37 -1.18 -5.49 5.24
N SER A 38 -1.46 -6.49 4.39
CA SER A 38 -2.43 -6.29 3.31
C SER A 38 -3.59 -7.28 3.42
N ILE A 39 -3.61 -8.05 4.52
CA ILE A 39 -4.76 -8.85 4.94
C ILE A 39 -5.88 -7.97 5.52
N MET A 40 -7.09 -8.10 4.97
CA MET A 40 -8.19 -7.21 5.35
C MET A 40 -8.62 -7.38 6.82
N HIS A 41 -8.88 -8.61 7.24
CA HIS A 41 -9.21 -8.88 8.65
C HIS A 41 -8.32 -9.98 9.25
N PRO A 42 -7.10 -9.63 9.70
CA PRO A 42 -6.39 -10.69 10.46
C PRO A 42 -7.09 -10.94 11.80
N SER A 43 -6.94 -12.15 12.34
CA SER A 43 -7.74 -12.60 13.49
C SER A 43 -7.78 -11.64 14.66
N ASP A 51 -20.62 -14.85 24.62
CA ASP A 51 -19.19 -14.72 24.94
C ASP A 51 -18.86 -13.36 25.54
N VAL A 52 -18.30 -13.37 26.74
CA VAL A 52 -17.97 -12.12 27.44
C VAL A 52 -16.57 -12.15 28.06
N ALA A 53 -16.27 -11.16 28.88
CA ALA A 53 -15.01 -11.10 29.61
C ALA A 53 -15.24 -11.31 31.10
N THR A 54 -14.27 -11.94 31.76
CA THR A 54 -14.37 -12.24 33.19
C THR A 54 -14.00 -11.03 34.03
N LYS A 55 -14.27 -11.12 35.33
CA LYS A 55 -13.91 -10.06 36.28
C LYS A 55 -12.42 -9.78 36.27
N ASP A 56 -11.61 -10.84 36.26
CA ASP A 56 -10.17 -10.69 36.36
C ASP A 56 -9.54 -10.24 35.05
N GLN A 57 -10.26 -10.44 33.94
CA GLN A 57 -9.82 -9.91 32.66
C GLN A 57 -10.05 -8.40 32.63
N LEU A 58 -11.00 -7.94 33.44
CA LEU A 58 -11.54 -6.59 33.30
C LEU A 58 -10.88 -5.56 34.21
N PHE A 59 -10.45 -5.96 35.41
CA PHE A 59 -9.74 -5.05 36.32
C PHE A 59 -8.56 -4.34 35.64
N PRO A 60 -7.60 -5.10 35.06
CA PRO A 60 -6.44 -4.40 34.49
C PRO A 60 -6.78 -3.55 33.25
N LEU A 61 -7.80 -3.94 32.50
CA LEU A 61 -8.19 -3.18 31.32
C LEU A 61 -8.84 -1.87 31.68
N ALA A 62 -9.67 -1.89 32.72
CA ALA A 62 -10.35 -0.68 33.18
C ALA A 62 -9.32 0.26 33.79
N LYS A 63 -8.43 -0.30 34.60
CA LYS A 63 -7.39 0.50 35.25
C LYS A 63 -6.50 1.20 34.23
N GLU A 64 -6.15 0.47 33.18
CA GLU A 64 -5.31 1.01 32.12
C GLU A 64 -5.96 2.26 31.50
N PHE A 65 -7.22 2.12 31.12
CA PHE A 65 -7.97 3.24 30.56
C PHE A 65 -8.16 4.39 31.56
N ILE A 66 -8.46 4.07 32.81
CA ILE A 66 -8.70 5.14 33.79
C ILE A 66 -7.42 5.94 34.01
N ASP A 67 -6.28 5.25 34.13
CA ASP A 67 -5.02 5.93 34.35
C ASP A 67 -4.76 6.88 33.18
N GLN A 68 -4.93 6.35 31.98
CA GLN A 68 -4.72 7.08 30.73
C GLN A 68 -5.58 8.34 30.73
N TYR A 69 -6.84 8.18 31.10
CA TYR A 69 -7.78 9.30 31.12
C TYR A 69 -7.34 10.37 32.11
N TYR A 70 -6.99 9.97 33.34
CA TYR A 70 -6.58 10.94 34.34
C TYR A 70 -5.21 11.51 34.03
N SER A 71 -4.42 10.77 33.27
CA SER A 71 -3.17 11.29 32.77
C SER A 71 -3.43 12.42 31.79
N SER A 72 -4.41 12.23 30.91
CA SER A 72 -4.71 13.24 29.90
C SER A 72 -5.27 14.56 30.49
N ILE A 73 -6.04 14.49 31.57
CA ILE A 73 -6.57 15.71 32.17
C ILE A 73 -5.61 16.29 33.22
N LYS A 74 -4.36 15.82 33.21
CA LYS A 74 -3.31 16.35 34.08
C LYS A 74 -3.63 16.21 35.57
N ARG A 75 -4.27 15.11 35.92
CA ARG A 75 -4.66 14.83 37.30
C ARG A 75 -4.26 13.42 37.72
N PHE A 76 -3.20 12.89 37.11
CA PHE A 76 -2.76 11.53 37.39
C PHE A 76 -2.30 11.37 38.84
N GLY A 77 -2.70 10.26 39.46
CA GLY A 77 -2.38 9.98 40.83
C GLY A 77 -3.07 10.89 41.83
N SER A 78 -4.02 11.68 41.35
CA SER A 78 -4.77 12.58 42.23
C SER A 78 -5.74 11.83 43.12
N LYS A 79 -6.35 12.56 44.03
CA LYS A 79 -7.36 12.01 44.91
C LYS A 79 -8.51 11.43 44.07
N ALA A 80 -9.02 12.25 43.16
CA ALA A 80 -10.07 11.85 42.23
C ALA A 80 -9.70 10.61 41.41
N HIS A 81 -8.45 10.54 40.98
CA HIS A 81 -7.95 9.39 40.23
C HIS A 81 -8.12 8.12 41.07
N MET A 82 -7.59 8.16 42.29
CA MET A 82 -7.62 7.02 43.20
C MET A 82 -9.05 6.66 43.60
N GLU A 83 -9.88 7.67 43.81
CA GLU A 83 -11.27 7.42 44.16
C GLU A 83 -12.06 6.83 42.99
N ARG A 84 -11.72 7.28 41.78
CA ARG A 84 -12.33 6.72 40.57
C ARG A 84 -11.98 5.23 40.45
N LEU A 85 -10.70 4.91 40.65
CA LEU A 85 -10.22 3.53 40.63
C LEU A 85 -10.92 2.64 41.65
N GLU A 86 -11.05 3.15 42.86
CA GLU A 86 -11.73 2.42 43.93
C GLU A 86 -13.17 2.11 43.51
N GLU A 87 -13.84 3.11 42.93
CA GLU A 87 -15.23 2.99 42.53
C GLU A 87 -15.42 1.87 41.50
N VAL A 88 -14.66 1.95 40.42
CA VAL A 88 -14.73 0.98 39.32
C VAL A 88 -14.42 -0.44 39.78
N ASN A 89 -13.36 -0.58 40.58
CA ASN A 89 -12.94 -1.89 41.06
C ASN A 89 -14.03 -2.57 41.88
N LYS A 90 -14.71 -1.82 42.73
CA LYS A 90 -15.84 -2.34 43.49
C LYS A 90 -16.96 -2.76 42.55
N GLU A 91 -17.26 -1.89 41.59
CA GLU A 91 -18.36 -2.13 40.66
C GLU A 91 -18.13 -3.39 39.83
N ILE A 92 -16.89 -3.60 39.39
CA ILE A 92 -16.55 -4.83 38.68
C ILE A 92 -16.71 -6.03 39.62
N ASP A 93 -16.25 -5.86 40.85
CA ASP A 93 -16.29 -6.91 41.86
C ASP A 93 -17.72 -7.35 42.19
N THR A 94 -18.65 -6.42 42.17
CA THR A 94 -20.02 -6.71 42.60
C THR A 94 -21.03 -6.84 41.46
N THR A 95 -20.62 -6.58 40.22
CA THR A 95 -21.56 -6.67 39.09
C THR A 95 -20.96 -7.27 37.83
N SER A 96 -19.66 -7.59 37.87
CA SER A 96 -18.91 -8.14 36.73
C SER A 96 -18.73 -7.15 35.57
N THR A 97 -19.18 -5.92 35.74
CA THR A 97 -18.92 -4.86 34.76
C THR A 97 -18.92 -3.50 35.46
N TYR A 98 -18.88 -2.41 34.69
CA TYR A 98 -18.90 -1.07 35.26
C TYR A 98 -19.37 -0.04 34.24
N GLN A 99 -19.64 1.18 34.72
CA GLN A 99 -20.20 2.25 33.92
C GLN A 99 -19.23 3.41 33.76
N LEU A 100 -19.00 3.84 32.53
CA LEU A 100 -18.13 4.98 32.29
C LEU A 100 -18.87 6.26 32.66
N LYS A 101 -18.14 7.23 33.22
CA LYS A 101 -18.69 8.56 33.41
C LYS A 101 -18.88 9.18 32.02
N ASP A 102 -19.68 10.24 31.93
CA ASP A 102 -19.92 10.91 30.66
C ASP A 102 -18.63 11.43 30.06
N THR A 103 -17.75 11.95 30.91
CA THR A 103 -16.49 12.49 30.45
C THR A 103 -15.54 11.41 29.91
N GLU A 104 -15.56 10.22 30.52
CA GLU A 104 -14.69 9.14 30.10
C GLU A 104 -15.17 8.57 28.77
N LEU A 105 -16.48 8.45 28.64
CA LEU A 105 -17.08 8.01 27.39
C LEU A 105 -16.73 8.93 26.22
N ILE A 106 -16.74 10.24 26.46
CA ILE A 106 -16.41 11.21 25.41
C ILE A 106 -14.92 11.14 25.08
N TYR A 107 -14.09 11.05 26.11
CA TYR A 107 -12.65 10.86 25.94
C TYR A 107 -12.35 9.60 25.12
N GLY A 108 -13.00 8.50 25.48
CA GLY A 108 -12.78 7.24 24.80
C GLY A 108 -13.20 7.21 23.35
N ALA A 109 -14.35 7.82 23.05
CA ALA A 109 -14.83 7.86 21.68
C ALA A 109 -13.88 8.66 20.77
N LYS A 110 -13.42 9.81 21.24
CA LYS A 110 -12.52 10.64 20.47
C LYS A 110 -11.17 9.93 20.26
N HIS A 111 -10.77 9.17 21.26
CA HIS A 111 -9.47 8.52 21.21
C HIS A 111 -9.46 7.23 20.37
N ALA A 112 -10.61 6.59 20.25
CA ALA A 112 -10.75 5.46 19.33
C ALA A 112 -10.61 5.95 17.88
N TRP A 113 -11.07 7.17 17.61
CA TRP A 113 -10.93 7.73 16.28
C TRP A 113 -9.47 8.08 16.08
N ARG A 114 -8.90 8.73 17.09
CA ARG A 114 -7.52 9.20 17.03
C ARG A 114 -6.56 8.03 16.80
N ASN A 115 -6.92 6.86 17.35
CA ASN A 115 -6.12 5.63 17.28
C ASN A 115 -6.41 4.75 16.05
N ALA A 116 -7.36 5.18 15.21
CA ALA A 116 -7.79 4.40 14.05
C ALA A 116 -6.75 4.44 12.90
N SER A 117 -5.88 3.44 12.85
CA SER A 117 -4.73 3.50 11.94
CA SER A 117 -4.75 3.44 11.93
C SER A 117 -5.13 3.57 10.46
N ARG A 118 -6.30 3.07 10.09
CA ARG A 118 -6.73 3.14 8.70
C ARG A 118 -7.51 4.41 8.31
N CYS A 119 -7.52 5.43 9.18
CA CYS A 119 -8.28 6.67 8.89
C CYS A 119 -7.37 7.87 8.51
N VAL A 120 -7.52 8.34 7.28
CA VAL A 120 -6.78 9.50 6.78
C VAL A 120 -7.37 10.82 7.28
N GLY A 121 -8.58 10.77 7.84
CA GLY A 121 -9.29 12.00 8.23
C GLY A 121 -9.04 12.46 9.65
N ARG A 122 -8.09 11.85 10.34
CA ARG A 122 -7.95 12.04 11.79
C ARG A 122 -7.46 13.39 12.29
N ILE A 123 -7.15 14.34 11.39
CA ILE A 123 -6.74 15.66 11.84
C ILE A 123 -7.93 16.31 12.60
N GLN A 124 -9.12 15.79 12.34
CA GLN A 124 -10.38 16.26 12.92
C GLN A 124 -10.80 15.54 14.20
N TRP A 125 -9.96 14.63 14.69
CA TRP A 125 -10.38 13.68 15.71
C TRP A 125 -10.94 14.35 16.98
N SER A 126 -10.42 15.52 17.36
CA SER A 126 -10.87 16.16 18.60
C SER A 126 -12.21 16.90 18.44
N LYS A 127 -12.63 17.11 17.19
CA LYS A 127 -13.95 17.71 16.94
C LYS A 127 -14.97 16.64 16.60
N LEU A 128 -15.38 15.89 17.61
CA LEU A 128 -16.36 14.83 17.43
C LEU A 128 -17.51 15.07 18.41
N GLN A 129 -18.71 15.14 17.87
CA GLN A 129 -19.89 15.32 18.68
C GLN A 129 -20.34 13.95 19.16
N VAL A 130 -20.27 13.73 20.47
CA VAL A 130 -20.60 12.42 21.04
C VAL A 130 -22.02 12.39 21.61
N PHE A 131 -22.90 11.59 21.01
CA PHE A 131 -24.26 11.46 21.54
C PHE A 131 -24.39 10.22 22.42
N ASP A 132 -24.61 10.46 23.71
CA ASP A 132 -24.71 9.38 24.67
C ASP A 132 -26.12 8.77 24.62
N ALA A 133 -26.21 7.56 24.08
CA ALA A 133 -27.50 6.88 23.97
C ALA A 133 -27.58 5.64 24.86
N ARG A 134 -26.89 5.67 26.00
CA ARG A 134 -26.85 4.50 26.87
C ARG A 134 -28.16 4.26 27.66
N ASP A 135 -29.13 5.18 27.55
CA ASP A 135 -30.43 5.00 28.21
C ASP A 135 -31.45 4.32 27.29
N CYS A 136 -31.05 4.02 26.06
CA CYS A 136 -31.96 3.45 25.06
C CYS A 136 -32.34 2.03 25.42
N THR A 137 -33.64 1.70 25.30
CA THR A 137 -34.12 0.37 25.68
C THR A 137 -34.78 -0.42 24.55
N THR A 138 -35.17 0.27 23.49
CA THR A 138 -35.98 -0.33 22.43
C THR A 138 -35.49 0.12 21.07
N ALA A 139 -35.95 -0.57 20.02
CA ALA A 139 -35.51 -0.30 18.65
C ALA A 139 -36.08 1.03 18.12
N HIS A 140 -37.32 1.33 18.49
CA HIS A 140 -37.91 2.64 18.20
C HIS A 140 -37.03 3.74 18.74
N GLY A 141 -36.52 3.54 19.95
CA GLY A 141 -35.63 4.50 20.58
C GLY A 141 -34.36 4.66 19.76
N MET A 142 -33.86 3.55 19.22
CA MET A 142 -32.64 3.57 18.43
C MET A 142 -32.90 4.40 17.20
N PHE A 143 -34.07 4.19 16.62
CA PHE A 143 -34.46 4.90 15.41
C PHE A 143 -34.48 6.41 15.66
N ASN A 144 -35.02 6.80 16.82
CA ASN A 144 -35.04 8.18 17.25
C ASN A 144 -33.64 8.75 17.36
N TYR A 145 -32.78 8.04 18.08
CA TYR A 145 -31.41 8.51 18.25
C TYR A 145 -30.73 8.70 16.88
N ILE A 146 -30.94 7.73 15.99
CA ILE A 146 -30.25 7.73 14.70
C ILE A 146 -30.73 8.87 13.79
N CYS A 147 -32.05 9.11 13.76
CA CYS A 147 -32.58 10.26 13.03
C CYS A 147 -31.96 11.57 13.53
N ASN A 148 -31.88 11.74 14.84
CA ASN A 148 -31.27 12.95 15.37
C ASN A 148 -29.78 13.08 14.96
N HIS A 149 -29.05 11.96 15.02
CA HIS A 149 -27.66 11.94 14.59
C HIS A 149 -27.58 12.43 13.13
N VAL A 150 -28.32 11.79 12.24
CA VAL A 150 -28.23 12.11 10.82
C VAL A 150 -28.49 13.56 10.56
N LYS A 151 -29.55 14.10 11.18
CA LYS A 151 -29.92 15.49 10.96
C LYS A 151 -28.79 16.41 11.41
N TYR A 152 -28.32 16.17 12.64
CA TYR A 152 -27.25 16.97 13.21
C TYR A 152 -26.02 16.99 12.31
N ALA A 153 -25.56 15.79 11.95
CA ALA A 153 -24.32 15.63 11.19
C ALA A 153 -24.44 16.23 9.79
N THR A 154 -25.63 16.16 9.21
CA THR A 154 -25.85 16.61 7.84
C THR A 154 -25.83 18.13 7.75
N ASN A 155 -26.61 18.79 8.62
CA ASN A 155 -26.51 20.23 8.83
C ASN A 155 -26.63 21.00 7.51
N LYS A 156 -27.51 20.52 6.64
CA LYS A 156 -27.78 21.15 5.35
C LYS A 156 -26.58 21.24 4.41
N GLY A 157 -25.64 20.29 4.51
CA GLY A 157 -24.49 20.27 3.62
C GLY A 157 -23.19 20.60 4.34
N ASN A 158 -23.31 21.37 5.41
CA ASN A 158 -22.16 21.69 6.25
C ASN A 158 -21.90 20.55 7.24
N LEU A 159 -21.36 19.42 6.75
CA LEU A 159 -21.33 18.21 7.57
C LEU A 159 -20.46 18.35 8.82
N ARG A 160 -20.91 17.73 9.91
CA ARG A 160 -20.22 17.72 11.20
C ARG A 160 -20.03 16.27 11.69
N SER A 161 -18.83 15.90 12.12
CA SER A 161 -18.61 14.55 12.62
C SER A 161 -19.34 14.25 13.93
N ALA A 162 -19.89 13.04 14.03
CA ALA A 162 -20.68 12.67 15.21
C ALA A 162 -20.62 11.18 15.41
N ILE A 163 -20.98 10.74 16.61
CA ILE A 163 -21.10 9.33 16.94
C ILE A 163 -22.20 9.15 17.98
N THR A 164 -23.04 8.15 17.78
CA THR A 164 -24.06 7.81 18.73
C THR A 164 -23.74 6.47 19.35
N ILE A 165 -23.66 6.42 20.68
CA ILE A 165 -23.22 5.22 21.38
C ILE A 165 -24.37 4.58 22.18
N PHE A 166 -24.72 3.37 21.78
CA PHE A 166 -25.81 2.63 22.42
C PHE A 166 -25.25 1.79 23.58
N PRO A 167 -26.12 1.24 24.45
CA PRO A 167 -25.64 0.50 25.62
C PRO A 167 -24.67 -0.63 25.30
N GLN A 168 -23.69 -0.80 26.18
CA GLN A 168 -22.63 -1.79 26.04
C GLN A 168 -23.10 -3.22 26.22
N ARG A 169 -22.30 -4.15 25.71
CA ARG A 169 -22.52 -5.58 25.89
C ARG A 169 -22.55 -5.94 27.37
N THR A 170 -23.42 -6.87 27.74
CA THR A 170 -23.52 -7.30 29.12
C THR A 170 -23.12 -8.78 29.22
N ASP A 171 -24.03 -9.67 28.82
CA ASP A 171 -23.75 -11.11 28.83
C ASP A 171 -23.62 -11.64 27.41
N GLY A 172 -23.78 -10.76 26.43
CA GLY A 172 -23.68 -11.13 25.04
C GLY A 172 -24.97 -11.69 24.46
N LYS A 173 -26.00 -11.73 25.30
CA LYS A 173 -27.30 -12.18 24.83
C LYS A 173 -28.27 -11.00 24.72
N HIS A 174 -27.78 -9.81 25.07
CA HIS A 174 -28.60 -8.61 25.03
C HIS A 174 -27.93 -7.49 24.23
N ASP A 175 -27.29 -7.83 23.12
CA ASP A 175 -26.59 -6.84 22.32
C ASP A 175 -27.50 -5.85 21.63
N PHE A 176 -27.08 -4.59 21.60
CA PHE A 176 -27.62 -3.62 20.67
C PHE A 176 -26.79 -3.68 19.39
N ARG A 177 -27.46 -3.78 18.25
CA ARG A 177 -26.75 -3.78 16.96
C ARG A 177 -27.50 -2.96 15.93
N VAL A 178 -26.75 -2.21 15.11
CA VAL A 178 -27.25 -1.78 13.80
C VAL A 178 -26.88 -2.83 12.76
N TRP A 179 -27.88 -3.40 12.09
CA TRP A 179 -27.59 -4.46 11.12
C TRP A 179 -27.07 -3.88 9.82
N ASN A 180 -27.50 -2.66 9.50
CA ASN A 180 -26.90 -1.88 8.43
C ASN A 180 -25.38 -1.73 8.56
N SER A 181 -24.68 -1.68 7.43
CA SER A 181 -23.23 -1.49 7.49
C SER A 181 -22.94 0.01 7.49
N GLN A 182 -23.82 0.78 6.87
CA GLN A 182 -23.85 2.22 7.01
C GLN A 182 -25.30 2.67 7.21
N LEU A 183 -25.50 3.77 7.93
CA LEU A 183 -26.85 4.27 8.20
C LEU A 183 -27.58 4.56 6.90
N ILE A 184 -26.90 5.25 5.99
CA ILE A 184 -27.41 5.48 4.63
C ILE A 184 -26.63 4.70 3.57
N ARG A 185 -27.28 3.76 2.89
CA ARG A 185 -26.72 3.06 1.72
C ARG A 185 -27.79 2.72 0.71
N TYR A 186 -27.38 2.46 -0.54
CA TYR A 186 -28.32 2.09 -1.59
C TYR A 186 -28.50 0.60 -1.67
N ALA A 187 -29.69 0.17 -2.09
CA ALA A 187 -30.02 -1.25 -2.18
C ALA A 187 -29.49 -1.91 -3.46
N GLY A 188 -29.24 -3.21 -3.38
CA GLY A 188 -28.85 -4.01 -4.53
C GLY A 188 -29.77 -5.21 -4.68
N TYR A 189 -30.25 -5.45 -5.90
CA TYR A 189 -31.19 -6.53 -6.15
C TYR A 189 -30.64 -7.52 -7.16
N LYS A 190 -30.31 -8.71 -6.70
CA LYS A 190 -29.86 -9.75 -7.62
C LYS A 190 -30.99 -10.14 -8.55
N GLN A 191 -30.76 -9.99 -9.84
CA GLN A 191 -31.74 -10.32 -10.86
C GLN A 191 -31.67 -11.80 -11.19
N PRO A 192 -32.77 -12.39 -11.70
CA PRO A 192 -32.75 -13.80 -12.07
C PRO A 192 -31.80 -14.10 -13.23
N ASP A 193 -31.46 -13.08 -14.03
CA ASP A 193 -30.59 -13.28 -15.18
C ASP A 193 -29.12 -13.04 -14.81
N GLY A 194 -28.87 -12.94 -13.50
CA GLY A 194 -27.51 -12.83 -13.00
C GLY A 194 -26.98 -11.41 -12.90
N SER A 195 -27.70 -10.44 -13.47
CA SER A 195 -27.30 -9.04 -13.37
C SER A 195 -27.67 -8.46 -12.00
N THR A 196 -27.10 -7.32 -11.67
CA THR A 196 -27.40 -6.69 -10.40
C THR A 196 -27.90 -5.28 -10.63
N LEU A 197 -29.08 -5.00 -10.07
CA LEU A 197 -29.65 -3.66 -10.05
C LEU A 197 -29.27 -2.95 -8.75
N GLY A 198 -28.73 -1.74 -8.86
CA GLY A 198 -28.29 -1.00 -7.69
C GLY A 198 -26.88 -1.39 -7.24
N ASP A 199 -26.65 -1.32 -5.93
CA ASP A 199 -25.32 -1.53 -5.37
C ASP A 199 -25.09 -3.00 -5.03
N PRO A 200 -24.19 -3.66 -5.78
CA PRO A 200 -23.96 -5.10 -5.57
C PRO A 200 -23.40 -5.41 -4.18
N ALA A 201 -22.71 -4.46 -3.57
CA ALA A 201 -22.16 -4.67 -2.23
C ALA A 201 -23.22 -4.96 -1.17
N ASN A 202 -24.46 -4.54 -1.43
CA ASN A 202 -25.51 -4.58 -0.41
C ASN A 202 -26.62 -5.57 -0.69
N VAL A 203 -26.39 -6.45 -1.66
CA VAL A 203 -27.38 -7.46 -2.07
C VAL A 203 -27.83 -8.36 -0.91
N GLN A 204 -26.87 -8.84 -0.13
CA GLN A 204 -27.20 -9.72 0.99
C GLN A 204 -28.08 -9.00 2.01
N PHE A 205 -27.70 -7.77 2.34
CA PHE A 205 -28.42 -7.06 3.37
C PHE A 205 -29.81 -6.69 2.87
N THR A 206 -29.91 -6.37 1.58
CA THR A 206 -31.16 -6.04 0.95
C THR A 206 -32.15 -7.21 1.06
N GLU A 207 -31.66 -8.43 0.82
CA GLU A 207 -32.50 -9.61 0.87
C GLU A 207 -33.07 -9.87 2.28
N ILE A 208 -32.25 -9.65 3.30
CA ILE A 208 -32.65 -9.75 4.69
C ILE A 208 -33.76 -8.73 4.99
N CYS A 209 -33.60 -7.52 4.47
CA CYS A 209 -34.60 -6.48 4.66
C CYS A 209 -35.93 -6.87 4.03
N ILE A 210 -35.88 -7.37 2.80
CA ILE A 210 -37.09 -7.82 2.11
C ILE A 210 -37.78 -8.95 2.88
N GLN A 211 -36.98 -9.85 3.44
CA GLN A 211 -37.50 -10.97 4.20
C GLN A 211 -38.21 -10.52 5.48
N GLN A 212 -37.65 -9.51 6.13
CA GLN A 212 -38.26 -8.95 7.35
C GLN A 212 -39.46 -8.08 7.02
N GLY A 213 -39.82 -8.00 5.74
CA GLY A 213 -41.03 -7.32 5.31
C GLY A 213 -40.86 -6.03 4.52
N TRP A 214 -39.65 -5.71 4.07
CA TRP A 214 -39.45 -4.46 3.34
C TRP A 214 -40.07 -4.57 1.94
N LYS A 215 -40.79 -3.51 1.54
CA LYS A 215 -41.32 -3.37 0.18
C LYS A 215 -40.34 -2.54 -0.65
N PRO A 216 -39.52 -3.20 -1.46
CA PRO A 216 -38.51 -2.49 -2.24
C PRO A 216 -39.07 -1.83 -3.50
N PRO A 217 -38.63 -0.60 -3.79
CA PRO A 217 -39.00 0.10 -5.04
C PRO A 217 -38.30 -0.49 -6.26
N ARG A 218 -37.27 -1.30 -6.03
CA ARG A 218 -36.49 -1.95 -7.10
C ARG A 218 -36.01 -0.94 -8.15
N GLY A 219 -35.25 0.05 -7.69
CA GLY A 219 -34.60 1.02 -8.56
C GLY A 219 -33.10 1.03 -8.31
N ARG A 220 -32.40 2.00 -8.91
CA ARG A 220 -30.94 1.99 -8.87
C ARG A 220 -30.36 2.61 -7.60
N PHE A 221 -31.11 3.52 -7.00
CA PHE A 221 -30.66 4.24 -5.82
C PHE A 221 -31.79 4.36 -4.78
N ASP A 222 -32.16 3.22 -4.19
CA ASP A 222 -33.20 3.16 -3.16
C ASP A 222 -32.54 3.14 -1.80
N VAL A 223 -32.85 4.12 -0.95
CA VAL A 223 -32.18 4.16 0.35
C VAL A 223 -32.69 3.01 1.18
N LEU A 224 -31.78 2.24 1.78
CA LEU A 224 -32.19 1.07 2.53
C LEU A 224 -32.86 1.49 3.83
N PRO A 225 -33.74 0.64 4.35
CA PRO A 225 -34.34 0.85 5.69
C PRO A 225 -33.36 0.57 6.82
N LEU A 226 -33.53 1.23 7.96
CA LEU A 226 -32.71 0.86 9.12
C LEU A 226 -33.24 -0.43 9.70
N LEU A 227 -32.33 -1.35 10.04
CA LEU A 227 -32.69 -2.61 10.69
C LEU A 227 -32.01 -2.64 12.05
N LEU A 228 -32.80 -2.50 13.11
CA LEU A 228 -32.23 -2.18 14.41
C LEU A 228 -32.57 -3.20 15.51
N GLN A 229 -31.55 -3.59 16.26
CA GLN A 229 -31.71 -4.59 17.31
C GLN A 229 -31.37 -3.99 18.66
N ALA A 230 -32.27 -4.18 19.62
CA ALA A 230 -32.05 -3.60 20.95
C ALA A 230 -32.11 -4.68 22.00
N ASN A 231 -31.09 -4.74 22.84
CA ASN A 231 -31.13 -5.58 24.02
C ASN A 231 -31.32 -7.05 23.69
N GLY A 232 -30.78 -7.49 22.56
CA GLY A 232 -30.81 -8.89 22.21
C GLY A 232 -32.08 -9.34 21.55
N ASN A 233 -33.06 -8.42 21.41
CA ASN A 233 -34.31 -8.75 20.72
C ASN A 233 -34.15 -8.84 19.20
N ASP A 234 -35.07 -9.52 18.54
CA ASP A 234 -35.09 -9.57 17.08
C ASP A 234 -35.08 -8.16 16.50
N PRO A 235 -34.47 -7.99 15.32
CA PRO A 235 -34.32 -6.65 14.74
C PRO A 235 -35.62 -6.14 14.16
N GLU A 236 -35.73 -4.83 13.99
CA GLU A 236 -36.95 -4.20 13.48
C GLU A 236 -36.61 -3.17 12.38
N LEU A 237 -37.49 -3.04 11.39
CA LEU A 237 -37.32 -2.12 10.26
C LEU A 237 -37.95 -0.74 10.47
N PHE A 238 -37.23 0.31 10.10
CA PHE A 238 -37.78 1.67 10.07
C PHE A 238 -37.29 2.36 8.81
N GLN A 239 -38.16 3.16 8.21
CA GLN A 239 -37.78 3.97 7.07
C GLN A 239 -37.22 5.28 7.56
N ILE A 240 -35.97 5.57 7.19
CA ILE A 240 -35.40 6.90 7.41
C ILE A 240 -36.28 7.90 6.67
N PRO A 241 -36.72 8.97 7.36
CA PRO A 241 -37.47 10.01 6.66
C PRO A 241 -36.64 10.57 5.50
N PRO A 242 -37.22 10.58 4.28
CA PRO A 242 -36.48 10.97 3.07
C PRO A 242 -35.86 12.37 3.15
N GLU A 243 -36.51 13.31 3.83
CA GLU A 243 -36.00 14.67 3.90
C GLU A 243 -34.75 14.75 4.79
N LEU A 244 -34.43 13.66 5.47
CA LEU A 244 -33.18 13.61 6.23
C LEU A 244 -31.99 13.12 5.40
N VAL A 245 -32.25 12.49 4.26
CA VAL A 245 -31.16 11.96 3.42
C VAL A 245 -30.74 12.95 2.32
N LEU A 246 -29.62 13.62 2.54
CA LEU A 246 -29.08 14.57 1.56
C LEU A 246 -28.40 13.80 0.44
N GLU A 247 -28.74 14.12 -0.80
CA GLU A 247 -28.10 13.48 -1.96
C GLU A 247 -27.57 14.48 -2.98
N VAL A 248 -26.64 14.04 -3.80
CA VAL A 248 -26.02 14.90 -4.82
C VAL A 248 -26.06 14.24 -6.20
N PRO A 249 -26.79 14.85 -7.15
CA PRO A 249 -26.70 14.35 -8.53
C PRO A 249 -25.32 14.62 -9.08
N ILE A 250 -24.79 13.71 -9.87
CA ILE A 250 -23.42 13.88 -10.35
C ILE A 250 -23.41 14.42 -11.77
N ARG A 251 -22.78 15.57 -11.94
CA ARG A 251 -22.65 16.19 -13.26
C ARG A 251 -21.19 16.60 -13.45
N HIS A 252 -20.80 16.92 -14.68
CA HIS A 252 -19.40 17.20 -15.00
C HIS A 252 -19.25 18.64 -15.46
N PRO A 253 -18.14 19.30 -15.06
CA PRO A 253 -17.98 20.71 -15.42
C PRO A 253 -17.75 20.96 -16.93
N LYS A 254 -17.51 19.91 -17.72
CA LYS A 254 -17.26 20.10 -19.15
C LYS A 254 -18.11 19.21 -20.05
N PHE A 255 -18.46 18.02 -19.58
CA PHE A 255 -19.26 17.09 -20.38
C PHE A 255 -20.76 17.19 -20.07
N GLU A 256 -21.49 17.85 -20.97
CA GLU A 256 -22.94 18.00 -20.88
C GLU A 256 -23.65 16.68 -20.62
N TRP A 257 -23.12 15.62 -21.23
CA TRP A 257 -23.80 14.34 -21.22
C TRP A 257 -23.64 13.57 -19.91
N PHE A 258 -22.84 14.09 -18.99
CA PHE A 258 -22.50 13.29 -17.83
C PHE A 258 -23.72 13.18 -16.92
N LYS A 259 -24.58 14.20 -16.96
CA LYS A 259 -25.83 14.14 -16.22
C LYS A 259 -26.71 13.03 -16.78
N ASP A 260 -26.49 12.66 -18.04
CA ASP A 260 -27.33 11.66 -18.69
C ASP A 260 -27.12 10.25 -18.14
N LEU A 261 -26.00 10.03 -17.45
CA LEU A 261 -25.70 8.74 -16.84
C LEU A 261 -26.60 8.43 -15.64
N GLY A 262 -27.30 9.45 -15.15
CA GLY A 262 -28.25 9.30 -14.05
C GLY A 262 -27.66 8.95 -12.69
N LEU A 263 -26.46 9.47 -12.41
CA LEU A 263 -25.75 9.08 -11.20
C LEU A 263 -25.97 10.09 -10.07
N LYS A 264 -26.07 9.56 -8.85
CA LYS A 264 -26.11 10.40 -7.67
C LYS A 264 -25.52 9.61 -6.51
N TRP A 265 -25.13 10.31 -5.45
CA TRP A 265 -24.71 9.64 -4.23
C TRP A 265 -25.23 10.36 -2.98
N TYR A 266 -25.20 9.69 -1.83
CA TYR A 266 -25.61 10.35 -0.59
C TYR A 266 -24.45 11.15 0.00
N GLY A 267 -24.79 12.19 0.75
CA GLY A 267 -23.78 13.10 1.26
C GLY A 267 -23.10 12.62 2.52
N LEU A 268 -23.72 11.74 3.28
CA LEU A 268 -23.24 11.45 4.62
C LEU A 268 -22.73 10.03 4.81
N PRO A 269 -21.40 9.86 4.95
CA PRO A 269 -20.83 8.54 5.18
C PRO A 269 -20.86 8.18 6.66
N ALA A 270 -21.60 7.13 7.01
CA ALA A 270 -21.90 6.84 8.41
C ALA A 270 -21.86 5.36 8.69
N VAL A 271 -20.67 4.86 9.02
CA VAL A 271 -20.45 3.44 9.30
C VAL A 271 -21.12 3.00 10.61
N SER A 272 -21.79 1.87 10.57
CA SER A 272 -22.66 1.47 11.66
C SER A 272 -22.50 0.03 12.10
N ASN A 273 -21.52 -0.68 11.54
CA ASN A 273 -21.38 -2.10 11.86
C ASN A 273 -20.12 -2.43 12.67
N MET A 274 -19.39 -1.42 13.12
CA MET A 274 -18.16 -1.66 13.88
C MET A 274 -18.39 -1.59 15.38
N LEU A 275 -17.41 -2.06 16.13
CA LEU A 275 -17.53 -2.13 17.57
C LEU A 275 -16.54 -1.16 18.24
N LEU A 276 -17.03 -0.43 19.23
CA LEU A 276 -16.20 0.51 19.98
C LEU A 276 -15.80 -0.08 21.33
N GLU A 277 -14.49 -0.18 21.55
CA GLU A 277 -13.95 -0.77 22.75
C GLU A 277 -13.30 0.29 23.63
N ILE A 278 -13.87 0.54 24.81
CA ILE A 278 -13.29 1.48 25.79
C ILE A 278 -13.08 0.83 27.16
N GLY A 279 -11.83 0.80 27.62
CA GLY A 279 -11.51 0.25 28.93
C GLY A 279 -12.10 -1.12 29.21
N GLY A 280 -12.14 -1.96 28.19
CA GLY A 280 -12.65 -3.31 28.34
C GLY A 280 -14.13 -3.45 28.03
N LEU A 281 -14.84 -2.33 27.98
CA LEU A 281 -16.27 -2.37 27.66
C LEU A 281 -16.51 -2.43 26.16
N GLU A 282 -17.54 -3.17 25.76
CA GLU A 282 -17.82 -3.34 24.34
C GLU A 282 -19.15 -2.71 23.93
N PHE A 283 -19.06 -1.62 23.18
CA PHE A 283 -20.22 -0.96 22.62
C PHE A 283 -20.44 -1.45 21.20
N SER A 284 -21.33 -2.44 21.08
CA SER A 284 -21.60 -3.14 19.83
C SER A 284 -22.37 -2.30 18.80
N ALA A 285 -23.00 -1.22 19.26
CA ALA A 285 -23.73 -0.32 18.37
C ALA A 285 -23.25 1.09 18.58
N CYS A 286 -22.55 1.63 17.59
CA CYS A 286 -21.87 2.90 17.74
C CYS A 286 -21.70 3.62 16.41
N PRO A 287 -22.82 3.91 15.70
CA PRO A 287 -22.69 4.55 14.40
C PRO A 287 -21.92 5.89 14.47
N PHE A 288 -21.05 6.10 13.49
CA PHE A 288 -20.25 7.31 13.44
C PHE A 288 -20.13 7.83 12.01
N SER A 289 -19.97 9.14 11.88
CA SER A 289 -19.97 9.71 10.56
C SER A 289 -19.05 10.92 10.49
N GLY A 290 -18.52 11.19 9.30
CA GLY A 290 -17.82 12.41 9.03
C GLY A 290 -18.26 12.93 7.68
N TRP A 291 -17.30 13.20 6.80
CA TRP A 291 -17.62 13.52 5.41
C TRP A 291 -16.73 12.74 4.42
N TYR A 292 -17.14 12.70 3.17
CA TYR A 292 -16.44 11.90 2.16
C TYR A 292 -15.12 12.47 1.66
N MET A 293 -14.17 11.58 1.40
CA MET A 293 -13.09 11.88 0.48
C MET A 293 -13.60 11.55 -0.92
N GLY A 294 -13.30 12.38 -1.89
CA GLY A 294 -13.79 12.16 -3.25
C GLY A 294 -13.65 10.75 -3.77
N THR A 295 -12.49 10.13 -3.56
CA THR A 295 -12.24 8.86 -4.21
C THR A 295 -13.07 7.70 -3.68
N GLU A 296 -13.51 7.78 -2.42
CA GLU A 296 -14.35 6.71 -1.87
C GLU A 296 -15.56 6.45 -2.78
N ILE A 297 -16.12 7.54 -3.29
CA ILE A 297 -17.23 7.52 -4.21
C ILE A 297 -16.77 7.40 -5.67
N GLY A 298 -15.87 8.28 -6.08
CA GLY A 298 -15.44 8.35 -7.47
C GLY A 298 -14.69 7.11 -7.93
N VAL A 299 -13.79 6.60 -7.09
CA VAL A 299 -12.99 5.45 -7.50
C VAL A 299 -13.63 4.13 -7.12
N ARG A 300 -13.80 3.91 -5.81
CA ARG A 300 -14.27 2.62 -5.33
C ARG A 300 -15.78 2.39 -5.62
N ASP A 301 -16.66 3.22 -5.03
CA ASP A 301 -18.11 3.04 -5.19
C ASP A 301 -18.56 3.05 -6.66
N TYR A 302 -17.87 3.83 -7.49
CA TYR A 302 -18.29 3.98 -8.88
C TYR A 302 -17.56 3.09 -9.88
N CYS A 303 -16.30 2.76 -9.61
CA CYS A 303 -15.48 2.08 -10.61
C CYS A 303 -14.97 0.69 -10.24
N ASP A 304 -15.09 0.29 -8.98
CA ASP A 304 -14.88 -1.11 -8.64
C ASP A 304 -15.73 -1.97 -9.57
N ASN A 305 -15.17 -3.08 -10.02
CA ASN A 305 -15.89 -3.99 -10.91
C ASN A 305 -17.11 -4.60 -10.20
N SER A 306 -16.99 -4.84 -8.90
CA SER A 306 -18.07 -5.43 -8.11
C SER A 306 -18.94 -4.38 -7.39
N ARG A 307 -18.82 -3.12 -7.78
CA ARG A 307 -19.76 -2.09 -7.31
C ARG A 307 -20.55 -1.58 -8.51
N TYR A 308 -20.66 -0.26 -8.68
CA TYR A 308 -21.53 0.26 -9.74
C TYR A 308 -20.87 0.14 -11.12
N ASN A 309 -19.54 0.06 -11.14
CA ASN A 309 -18.76 -0.33 -12.33
C ASN A 309 -19.08 0.41 -13.63
N ILE A 310 -18.89 1.74 -13.62
CA ILE A 310 -19.37 2.55 -14.73
C ILE A 310 -18.28 2.98 -15.71
N LEU A 311 -17.05 2.52 -15.45
CA LEU A 311 -15.88 2.90 -16.25
C LEU A 311 -16.11 2.77 -17.74
N GLU A 312 -16.61 1.61 -18.15
CA GLU A 312 -16.83 1.36 -19.57
C GLU A 312 -17.86 2.31 -20.18
N GLU A 313 -19.00 2.49 -19.51
CA GLU A 313 -20.05 3.39 -20.04
C GLU A 313 -19.57 4.84 -20.13
N VAL A 314 -18.75 5.27 -19.17
CA VAL A 314 -18.16 6.60 -19.21
C VAL A 314 -17.16 6.71 -20.36
N ALA A 315 -16.31 5.71 -20.48
CA ALA A 315 -15.30 5.66 -21.53
C ALA A 315 -15.92 5.69 -22.93
N LYS A 316 -17.04 5.00 -23.10
CA LYS A 316 -17.78 4.97 -24.36
C LYS A 316 -18.30 6.35 -24.78
N LYS A 317 -18.72 7.17 -23.82
CA LYS A 317 -19.24 8.49 -24.15
C LYS A 317 -18.10 9.50 -24.30
N MET A 318 -16.94 9.16 -23.74
CA MET A 318 -15.72 9.96 -23.93
C MET A 318 -15.10 9.63 -25.27
N ASN A 319 -15.66 8.63 -25.94
CA ASN A 319 -15.19 8.18 -27.24
C ASN A 319 -13.70 7.81 -27.25
N LEU A 320 -13.26 7.13 -26.20
CA LEU A 320 -11.88 6.66 -26.10
C LEU A 320 -11.66 5.38 -26.90
N ASP A 321 -10.40 5.02 -27.14
CA ASP A 321 -10.10 3.73 -27.75
C ASP A 321 -10.08 2.66 -26.66
N MET A 322 -10.94 1.66 -26.78
CA MET A 322 -11.11 0.71 -25.69
C MET A 322 -10.68 -0.72 -26.03
N ARG A 323 -9.86 -0.90 -27.07
CA ARG A 323 -9.40 -2.24 -27.43
C ARG A 323 -8.00 -2.56 -26.94
N LYS A 324 -7.14 -1.55 -26.87
CA LYS A 324 -5.88 -1.69 -26.14
C LYS A 324 -6.15 -1.37 -24.68
N THR A 325 -5.36 -1.91 -23.76
CA THR A 325 -5.40 -1.37 -22.40
C THR A 325 -4.30 -0.32 -22.26
N SER A 326 -3.29 -0.39 -23.12
CA SER A 326 -2.19 0.57 -23.08
C SER A 326 -2.61 1.97 -23.60
N SER A 327 -3.86 2.10 -24.06
CA SER A 327 -4.39 3.44 -24.34
C SER A 327 -4.70 4.18 -23.05
N LEU A 328 -4.74 3.43 -21.94
CA LEU A 328 -5.09 3.93 -20.61
C LEU A 328 -6.46 4.59 -20.61
N TRP A 329 -7.40 4.00 -21.35
CA TRP A 329 -8.75 4.53 -21.41
C TRP A 329 -9.42 4.43 -20.05
N LYS A 330 -9.12 3.38 -19.30
CA LYS A 330 -9.69 3.23 -17.96
C LYS A 330 -9.19 4.35 -17.09
N ASP A 331 -7.89 4.64 -17.20
CA ASP A 331 -7.28 5.65 -16.35
C ASP A 331 -7.84 7.04 -16.66
N GLN A 332 -8.11 7.30 -17.93
CA GLN A 332 -8.65 8.61 -18.33
C GLN A 332 -10.07 8.82 -17.81
N ALA A 333 -10.94 7.82 -18.01
CA ALA A 333 -12.31 7.89 -17.55
C ALA A 333 -12.41 8.05 -16.03
N LEU A 334 -11.55 7.34 -15.32
CA LEU A 334 -11.51 7.38 -13.87
C LEU A 334 -11.31 8.78 -13.33
N VAL A 335 -10.40 9.51 -13.96
CA VAL A 335 -10.08 10.88 -13.54
C VAL A 335 -11.28 11.82 -13.73
N GLU A 336 -11.92 11.74 -14.90
CA GLU A 336 -13.09 12.57 -15.19
C GLU A 336 -14.23 12.28 -14.20
N ILE A 337 -14.43 10.99 -13.92
CA ILE A 337 -15.46 10.57 -12.99
C ILE A 337 -15.23 11.24 -11.64
N ASN A 338 -13.99 11.24 -11.19
CA ASN A 338 -13.68 11.85 -9.90
C ASN A 338 -13.75 13.37 -9.96
N ILE A 339 -13.57 13.92 -11.15
CA ILE A 339 -13.71 15.36 -11.33
C ILE A 339 -15.17 15.73 -11.16
N ALA A 340 -16.05 14.91 -11.74
CA ALA A 340 -17.49 15.12 -11.68
C ALA A 340 -17.99 15.09 -10.24
N VAL A 341 -17.58 14.07 -9.48
CA VAL A 341 -17.97 13.91 -8.09
C VAL A 341 -17.61 15.15 -7.28
N LEU A 342 -16.35 15.55 -7.33
CA LEU A 342 -15.90 16.73 -6.61
C LEU A 342 -16.63 18.01 -7.04
N TYR A 343 -16.82 18.14 -8.36
CA TYR A 343 -17.53 19.29 -8.90
C TYR A 343 -18.95 19.38 -8.38
N SER A 344 -19.61 18.22 -8.30
CA SER A 344 -21.01 18.14 -7.92
C SER A 344 -21.20 18.46 -6.45
N PHE A 345 -20.41 17.82 -5.59
CA PHE A 345 -20.49 18.12 -4.15
C PHE A 345 -20.17 19.59 -3.87
N GLN A 346 -19.12 20.11 -4.51
CA GLN A 346 -18.73 21.51 -4.28
C GLN A 346 -19.83 22.48 -4.73
N SER A 347 -20.42 22.20 -5.88
CA SER A 347 -21.44 23.05 -6.46
C SER A 347 -22.70 23.07 -5.59
N ASP A 348 -22.97 21.96 -4.90
CA ASP A 348 -24.17 21.87 -4.07
C ASP A 348 -23.89 22.22 -2.61
N LYS A 349 -22.70 22.75 -2.36
CA LYS A 349 -22.27 23.19 -1.02
C LYS A 349 -22.37 22.12 0.05
N VAL A 350 -22.10 20.88 -0.35
CA VAL A 350 -22.00 19.76 0.58
C VAL A 350 -20.51 19.46 0.81
N THR A 351 -20.09 19.39 2.07
CA THR A 351 -18.70 19.14 2.44
C THR A 351 -18.10 17.91 1.76
N ILE A 352 -16.91 18.07 1.19
CA ILE A 352 -16.15 16.96 0.61
C ILE A 352 -14.68 17.35 0.58
N VAL A 353 -13.79 16.36 0.57
CA VAL A 353 -12.36 16.65 0.45
C VAL A 353 -11.74 15.84 -0.71
N ASP A 354 -10.91 16.50 -1.51
CA ASP A 354 -10.20 15.78 -2.55
C ASP A 354 -9.00 15.05 -1.91
N HIS A 355 -8.55 13.98 -2.54
CA HIS A 355 -7.46 13.18 -1.98
C HIS A 355 -6.11 13.93 -1.83
N HIS A 356 -5.86 14.96 -2.63
CA HIS A 356 -4.64 15.75 -2.45
C HIS A 356 -4.68 16.54 -1.14
N SER A 357 -5.76 17.29 -0.94
CA SER A 357 -5.95 18.03 0.30
CA SER A 357 -5.94 18.04 0.30
C SER A 357 -5.93 17.13 1.55
N ALA A 358 -6.68 16.05 1.50
CA ALA A 358 -6.81 15.19 2.68
C ALA A 358 -5.49 14.57 3.11
N THR A 359 -4.66 14.18 2.14
CA THR A 359 -3.40 13.47 2.42
C THR A 359 -2.33 14.41 2.95
N GLU A 360 -2.32 15.62 2.39
CA GLU A 360 -1.47 16.70 2.88
C GLU A 360 -1.80 17.02 4.32
N SER A 361 -3.09 16.99 4.64
CA SER A 361 -3.54 17.26 5.99
C SER A 361 -3.10 16.15 6.93
N PHE A 362 -3.29 14.90 6.52
CA PHE A 362 -2.84 13.78 7.33
C PHE A 362 -1.34 13.82 7.68
N ILE A 363 -0.50 14.17 6.71
CA ILE A 363 0.93 14.25 6.99
C ILE A 363 1.19 15.31 8.06
N LYS A 364 0.57 16.48 7.91
CA LYS A 364 0.72 17.51 8.92
C LYS A 364 0.20 17.00 10.26
N HIS A 365 -0.98 16.38 10.23
CA HIS A 365 -1.55 15.78 11.43
C HIS A 365 -0.60 14.75 12.02
N MET A 366 0.02 13.93 11.18
CA MET A 366 0.85 12.85 11.68
C MET A 366 2.14 13.38 12.32
N GLU A 367 2.68 14.44 11.73
CA GLU A 367 3.88 15.05 12.28
C GLU A 367 3.58 15.62 13.65
N ASN A 368 2.44 16.28 13.78
CA ASN A 368 2.08 16.90 15.04
C ASN A 368 1.86 15.87 16.15
N GLU A 369 1.18 14.77 15.81
CA GLU A 369 1.03 13.63 16.71
C GLU A 369 2.37 13.04 17.18
N TYR A 370 3.38 13.06 16.32
CA TYR A 370 4.68 12.55 16.73
C TYR A 370 5.32 13.47 17.75
N ARG A 371 5.16 14.77 17.55
CA ARG A 371 5.73 15.74 18.49
C ARG A 371 5.01 15.69 19.84
N CYS A 372 3.69 15.67 19.80
CA CYS A 372 2.91 15.84 21.02
C CYS A 372 2.55 14.54 21.71
N ARG A 373 2.49 13.44 20.96
CA ARG A 373 2.03 12.16 21.50
C ARG A 373 3.11 11.06 21.46
N GLY A 374 4.16 11.28 20.66
CA GLY A 374 5.23 10.29 20.54
C GLY A 374 4.97 9.25 19.45
N GLY A 375 4.01 9.53 18.57
CA GLY A 375 3.73 8.65 17.45
C GLY A 375 2.33 8.80 16.90
N CYS A 376 2.03 8.05 15.85
CA CYS A 376 0.72 8.02 15.22
C CYS A 376 0.57 6.76 14.39
N PRO A 377 -0.09 5.74 14.96
CA PRO A 377 -0.29 4.51 14.18
C PRO A 377 -0.97 4.81 12.84
N ALA A 378 -0.45 4.24 11.76
CA ALA A 378 -1.04 4.47 10.43
C ALA A 378 -0.86 3.26 9.52
N ASP A 379 -1.93 2.92 8.80
CA ASP A 379 -1.91 1.76 7.90
C ASP A 379 -1.74 2.23 6.47
N TRP A 380 -0.49 2.22 5.99
CA TRP A 380 -0.12 2.71 4.65
C TRP A 380 -1.05 2.17 3.56
N VAL A 381 -1.32 0.87 3.61
CA VAL A 381 -2.18 0.20 2.64
C VAL A 381 -3.57 0.84 2.55
N TRP A 382 -4.05 1.41 3.66
CA TRP A 382 -5.35 2.08 3.65
C TRP A 382 -5.23 3.58 3.47
N ILE A 383 -4.20 4.18 4.08
CA ILE A 383 -3.99 5.64 4.02
C ILE A 383 -3.71 6.14 2.58
N VAL A 384 -3.02 5.35 1.76
CA VAL A 384 -2.76 5.81 0.40
C VAL A 384 -4.02 5.71 -0.48
N PRO A 385 -4.40 6.81 -1.13
CA PRO A 385 -5.66 6.84 -1.93
C PRO A 385 -5.64 5.83 -3.10
N PRO A 386 -6.81 5.39 -3.56
CA PRO A 386 -6.96 4.35 -4.58
C PRO A 386 -6.60 4.77 -6.02
N MET A 387 -6.36 6.05 -6.24
CA MET A 387 -5.82 6.53 -7.52
C MET A 387 -4.69 7.52 -7.25
N SER A 388 -3.82 7.74 -8.23
CA SER A 388 -2.80 8.78 -8.12
C SER A 388 -1.91 8.68 -6.86
N GLY A 389 -1.60 7.45 -6.45
CA GLY A 389 -0.86 7.22 -5.23
C GLY A 389 0.42 8.01 -5.02
N SER A 390 1.40 7.88 -5.93
CA SER A 390 2.70 8.52 -5.72
C SER A 390 2.69 10.05 -5.87
N ILE A 391 1.60 10.64 -6.36
CA ILE A 391 1.56 12.09 -6.42
C ILE A 391 0.82 12.68 -5.22
N THR A 392 0.50 11.85 -4.22
CA THR A 392 0.08 12.35 -2.91
C THR A 392 1.23 12.11 -1.96
N PRO A 393 1.37 12.95 -0.92
CA PRO A 393 2.55 12.88 -0.05
C PRO A 393 2.58 11.70 0.91
N VAL A 394 1.46 11.00 1.10
CA VAL A 394 1.49 9.85 2.00
C VAL A 394 2.22 8.65 1.38
N PHE A 395 2.26 8.59 0.05
CA PHE A 395 2.93 7.50 -0.65
C PHE A 395 4.38 7.34 -0.20
N HIS A 396 5.03 8.49 0.03
CA HIS A 396 6.46 8.52 0.31
C HIS A 396 6.78 8.49 1.79
N GLN A 397 5.74 8.40 2.61
CA GLN A 397 5.91 8.45 4.06
C GLN A 397 5.97 7.06 4.66
N GLU A 398 7.04 6.75 5.37
CA GLU A 398 7.09 5.50 6.12
C GLU A 398 6.11 5.58 7.30
N MET A 399 5.41 4.49 7.59
CA MET A 399 4.44 4.48 8.70
C MET A 399 4.58 3.24 9.58
N LEU A 400 4.48 3.42 10.89
CA LEU A 400 4.35 2.30 11.82
C LEU A 400 2.88 1.98 12.08
N ASN A 401 2.55 0.70 12.07
CA ASN A 401 1.21 0.27 12.42
C ASN A 401 1.18 -0.57 13.68
N TYR A 402 0.29 -0.20 14.59
CA TYR A 402 0.09 -0.92 15.83
C TYR A 402 -1.26 -0.53 16.44
N ARG A 403 -1.73 -1.34 17.38
CA ARG A 403 -3.10 -1.21 17.84
C ARG A 403 -3.17 -0.59 19.23
N LEU A 404 -3.69 0.63 19.31
CA LEU A 404 -3.87 1.28 20.60
C LEU A 404 -5.32 1.20 21.04
N THR A 405 -5.55 1.30 22.35
CA THR A 405 -6.90 1.31 22.90
C THR A 405 -7.14 2.62 23.62
N PRO A 406 -8.37 3.15 23.59
CA PRO A 406 -9.61 2.67 22.99
C PRO A 406 -9.54 2.53 21.48
N SER A 407 -10.42 1.74 20.90
CA SER A 407 -10.37 1.50 19.46
C SER A 407 -11.68 1.02 18.88
N PHE A 408 -11.81 1.19 17.57
CA PHE A 408 -12.86 0.57 16.79
C PHE A 408 -12.41 -0.77 16.20
N GLU A 409 -13.24 -1.79 16.35
CA GLU A 409 -12.92 -3.12 15.84
C GLU A 409 -13.99 -3.60 14.87
N TYR A 410 -13.65 -4.66 14.14
CA TYR A 410 -14.64 -5.35 13.35
C TYR A 410 -15.39 -6.32 14.23
N GLN A 411 -16.55 -6.77 13.77
CA GLN A 411 -17.36 -7.70 14.53
C GLN A 411 -18.18 -8.48 13.52
N PRO A 412 -18.59 -9.71 13.87
CA PRO A 412 -19.33 -10.52 12.90
C PRO A 412 -20.65 -9.87 12.51
N ASP A 413 -21.11 -10.15 11.30
CA ASP A 413 -22.44 -9.76 10.91
C ASP A 413 -23.48 -10.38 11.83
N PRO A 414 -24.45 -9.57 12.30
CA PRO A 414 -25.37 -10.02 13.34
C PRO A 414 -26.26 -11.17 12.91
N TRP A 415 -26.57 -11.27 11.61
CA TRP A 415 -27.43 -12.37 11.19
C TRP A 415 -26.76 -13.74 11.32
N ASN A 416 -25.42 -13.78 11.27
CA ASN A 416 -24.70 -15.04 11.47
C ASN A 416 -24.65 -15.46 12.94
N THR A 417 -25.07 -14.58 13.84
CA THR A 417 -24.92 -14.84 15.27
C THR A 417 -26.25 -14.88 15.99
N HIS A 418 -27.19 -14.06 15.55
CA HIS A 418 -28.39 -13.80 16.31
C HIS A 418 -29.22 -15.04 16.60
N VAL A 419 -29.49 -15.26 17.89
CA VAL A 419 -30.41 -16.32 18.29
C VAL A 419 -31.81 -15.75 18.18
N TRP A 420 -32.56 -16.20 17.18
CA TRP A 420 -33.87 -15.61 16.89
C TRP A 420 -34.89 -15.94 17.95
N LYS A 421 -35.57 -14.90 18.44
CA LYS A 421 -36.62 -15.07 19.43
C LYS A 421 -37.83 -15.76 18.81
N ARG B 3 1.08 -22.80 10.99
CA ARG B 3 -0.16 -23.15 10.31
C ARG B 3 -0.22 -22.73 8.84
N PHE B 4 -1.11 -23.35 8.07
CA PHE B 4 -1.40 -22.87 6.71
C PHE B 4 -2.12 -21.53 6.80
N LEU B 5 -1.81 -20.60 5.90
CA LEU B 5 -2.48 -19.30 5.88
C LEU B 5 -3.23 -19.09 4.56
N LYS B 6 -4.36 -18.39 4.61
CA LYS B 6 -5.14 -18.14 3.41
C LYS B 6 -5.01 -16.67 2.97
N VAL B 7 -5.07 -16.45 1.66
CA VAL B 7 -5.11 -15.10 1.12
C VAL B 7 -6.32 -15.03 0.20
N LYS B 8 -7.12 -13.98 0.34
CA LYS B 8 -8.31 -13.87 -0.48
C LYS B 8 -8.18 -12.71 -1.45
N ASN B 9 -8.58 -12.92 -2.69
CA ASN B 9 -8.79 -11.80 -3.60
C ASN B 9 -10.22 -11.32 -3.38
N TRP B 10 -10.42 -10.05 -3.05
CA TRP B 10 -11.75 -9.59 -2.68
C TRP B 10 -12.61 -9.29 -3.88
N GLU B 11 -11.98 -9.11 -5.04
CA GLU B 11 -12.73 -8.92 -6.26
C GLU B 11 -13.23 -10.28 -6.79
N THR B 12 -12.35 -11.25 -6.93
CA THR B 12 -12.80 -12.53 -7.47
C THR B 12 -13.22 -13.57 -6.41
N GLU B 13 -12.93 -13.27 -5.15
CA GLU B 13 -13.19 -14.18 -4.03
C GLU B 13 -12.36 -15.47 -4.10
N VAL B 14 -11.36 -15.51 -4.98
CA VAL B 14 -10.46 -16.64 -5.01
C VAL B 14 -9.61 -16.68 -3.74
N VAL B 15 -9.51 -17.84 -3.13
CA VAL B 15 -8.73 -18.02 -1.91
C VAL B 15 -7.63 -19.03 -2.16
N LEU B 16 -6.40 -18.64 -1.82
CA LEU B 16 -5.24 -19.52 -1.97
C LEU B 16 -4.70 -19.87 -0.60
N THR B 17 -4.01 -21.00 -0.48
CA THR B 17 -3.49 -21.42 0.82
C THR B 17 -1.96 -21.42 0.82
N ASP B 18 -1.37 -20.64 1.71
CA ASP B 18 0.07 -20.50 1.78
C ASP B 18 0.68 -21.45 2.80
N THR B 19 1.56 -22.33 2.31
CA THR B 19 2.34 -23.25 3.14
C THR B 19 3.82 -22.93 2.97
N LEU B 20 4.15 -22.14 1.96
CA LEU B 20 5.53 -21.87 1.64
C LEU B 20 6.21 -21.03 2.72
N HIS B 21 5.42 -20.18 3.39
CA HIS B 21 5.99 -19.27 4.38
C HIS B 21 6.67 -20.04 5.50
N LEU B 22 6.25 -21.28 5.72
CA LEU B 22 6.81 -22.11 6.79
C LEU B 22 8.27 -22.44 6.53
N LYS B 23 8.69 -22.37 5.28
CA LYS B 23 10.06 -22.68 4.89
C LYS B 23 10.98 -21.47 5.00
N SER B 24 10.40 -20.31 5.34
CA SER B 24 11.13 -19.05 5.33
C SER B 24 12.05 -18.96 6.55
N THR B 25 13.19 -18.28 6.40
CA THR B 25 14.20 -18.27 7.47
C THR B 25 14.70 -16.89 7.85
N LEU B 26 14.59 -15.93 6.93
CA LEU B 26 15.00 -14.56 7.20
C LEU B 26 13.85 -13.73 7.80
N GLU B 27 14.19 -12.72 8.59
CA GLU B 27 13.21 -11.87 9.28
C GLU B 27 12.64 -10.77 8.37
N THR B 28 11.43 -10.31 8.71
CA THR B 28 10.69 -9.37 7.86
C THR B 28 10.78 -7.92 8.34
N GLY B 29 10.97 -7.72 9.64
CA GLY B 29 11.04 -6.38 10.20
C GLY B 29 9.88 -6.10 11.13
N CYS B 30 8.80 -6.86 10.99
CA CYS B 30 7.64 -6.72 11.86
C CYS B 30 7.85 -7.47 13.16
N THR B 31 6.92 -7.26 14.09
CA THR B 31 6.78 -8.08 15.30
C THR B 31 5.29 -8.33 15.57
N GLU B 32 4.97 -9.07 16.62
CA GLU B 32 3.57 -9.34 16.93
C GLU B 32 2.78 -8.07 17.26
N TYR B 33 3.50 -7.04 17.67
CA TYR B 33 2.88 -5.79 18.10
C TYR B 33 3.00 -4.63 17.10
N ILE B 34 3.97 -4.69 16.21
CA ILE B 34 4.20 -3.56 15.30
C ILE B 34 4.44 -4.04 13.87
N CYS B 35 3.69 -3.50 12.93
CA CYS B 35 3.89 -3.84 11.53
C CYS B 35 4.72 -2.75 10.89
N MET B 36 5.72 -3.17 10.12
CA MET B 36 6.63 -2.27 9.42
C MET B 36 6.55 -2.49 7.94
N GLY B 37 5.37 -2.90 7.47
CA GLY B 37 5.18 -3.20 6.06
C GLY B 37 5.49 -2.08 5.08
N SER B 38 5.64 -0.84 5.57
CA SER B 38 5.95 0.26 4.65
C SER B 38 7.30 0.93 4.95
N ILE B 39 8.12 0.32 5.81
CA ILE B 39 9.50 0.77 5.99
C ILE B 39 10.36 0.26 4.82
N MET B 40 11.07 1.17 4.16
CA MET B 40 11.78 0.77 2.94
C MET B 40 12.97 -0.17 3.22
N HIS B 41 13.75 0.13 4.26
CA HIS B 41 14.86 -0.75 4.68
C HIS B 41 14.79 -1.08 6.18
N PRO B 42 14.00 -2.10 6.55
CA PRO B 42 13.81 -2.48 7.96
C PRO B 42 14.97 -3.27 8.58
N ALA B 53 30.10 -13.49 7.59
CA ALA B 53 30.11 -14.68 8.43
C ALA B 53 31.50 -15.32 8.46
N THR B 54 31.73 -16.21 9.42
CA THR B 54 32.96 -17.00 9.46
C THR B 54 32.64 -18.43 9.04
N LYS B 55 33.64 -19.30 9.07
CA LYS B 55 33.44 -20.72 8.76
C LYS B 55 32.20 -21.27 9.46
N ASP B 56 32.10 -20.92 10.73
CA ASP B 56 31.07 -21.43 11.63
C ASP B 56 29.66 -21.17 11.13
N GLN B 57 29.38 -19.93 10.77
CA GLN B 57 28.03 -19.58 10.32
C GLN B 57 27.79 -20.01 8.87
N LEU B 58 28.86 -20.27 8.14
CA LEU B 58 28.76 -20.46 6.69
C LEU B 58 28.21 -21.84 6.27
N PHE B 59 28.67 -22.92 6.88
CA PHE B 59 28.26 -24.24 6.39
C PHE B 59 26.75 -24.54 6.48
N PRO B 60 26.10 -24.22 7.62
CA PRO B 60 24.64 -24.39 7.64
C PRO B 60 23.91 -23.68 6.50
N LEU B 61 24.31 -22.44 6.21
CA LEU B 61 23.77 -21.68 5.09
C LEU B 61 24.03 -22.38 3.76
N ALA B 62 25.27 -22.85 3.59
CA ALA B 62 25.67 -23.61 2.42
C ALA B 62 24.83 -24.88 2.30
N LYS B 63 24.73 -25.62 3.40
CA LYS B 63 23.97 -26.86 3.42
C LYS B 63 22.50 -26.60 3.05
N GLU B 64 21.89 -25.59 3.64
CA GLU B 64 20.50 -25.28 3.34
C GLU B 64 20.31 -25.07 1.83
N PHE B 65 21.19 -24.29 1.23
CA PHE B 65 21.05 -23.98 -0.19
C PHE B 65 21.25 -25.21 -1.06
N ILE B 66 22.26 -26.02 -0.76
CA ILE B 66 22.57 -27.20 -1.58
C ILE B 66 21.42 -28.20 -1.47
N ASP B 67 20.89 -28.32 -0.24
CA ASP B 67 19.72 -29.16 -0.01
C ASP B 67 18.56 -28.74 -0.93
N GLN B 68 18.22 -27.46 -0.95
CA GLN B 68 17.07 -27.05 -1.74
C GLN B 68 17.34 -27.17 -3.23
N TYR B 69 18.61 -27.05 -3.64
CA TYR B 69 18.96 -27.24 -5.02
C TYR B 69 18.73 -28.68 -5.49
N TYR B 70 19.29 -29.63 -4.73
CA TYR B 70 19.12 -31.04 -5.04
C TYR B 70 17.68 -31.48 -4.83
N SER B 71 16.95 -30.75 -3.99
CA SER B 71 15.52 -30.98 -3.88
C SER B 71 14.84 -30.57 -5.18
N SER B 72 15.30 -29.47 -5.76
CA SER B 72 14.66 -28.91 -6.95
C SER B 72 14.85 -29.80 -8.18
N ILE B 73 15.95 -30.54 -8.22
CA ILE B 73 16.22 -31.43 -9.35
C ILE B 73 15.88 -32.89 -9.04
N LYS B 74 15.07 -33.11 -8.00
CA LYS B 74 14.65 -34.46 -7.62
C LYS B 74 15.82 -35.45 -7.48
N ARG B 75 16.85 -35.06 -6.74
CA ARG B 75 17.97 -35.94 -6.45
C ARG B 75 18.40 -35.73 -5.00
N PHE B 76 17.43 -35.40 -4.16
CA PHE B 76 17.66 -35.22 -2.74
C PHE B 76 18.07 -36.53 -2.08
N GLY B 77 19.22 -36.51 -1.41
CA GLY B 77 19.72 -37.68 -0.74
C GLY B 77 20.52 -38.57 -1.65
N SER B 78 20.65 -38.17 -2.92
CA SER B 78 21.42 -38.96 -3.89
C SER B 78 22.90 -39.01 -3.52
N LYS B 79 23.64 -39.85 -4.22
CA LYS B 79 25.08 -39.88 -4.08
C LYS B 79 25.66 -38.49 -4.36
N ALA B 80 25.27 -37.92 -5.50
CA ALA B 80 25.75 -36.61 -5.92
C ALA B 80 25.51 -35.56 -4.84
N HIS B 81 24.34 -35.63 -4.21
CA HIS B 81 23.96 -34.72 -3.14
C HIS B 81 24.92 -34.78 -1.95
N MET B 82 25.08 -35.96 -1.37
CA MET B 82 26.01 -36.14 -0.24
C MET B 82 27.44 -35.71 -0.62
N GLU B 83 27.91 -36.15 -1.78
CA GLU B 83 29.26 -35.80 -2.19
C GLU B 83 29.45 -34.28 -2.29
N ARG B 84 28.43 -33.60 -2.80
CA ARG B 84 28.51 -32.15 -2.92
C ARG B 84 28.67 -31.49 -1.55
N LEU B 85 27.88 -31.93 -0.58
CA LEU B 85 27.97 -31.42 0.79
C LEU B 85 29.37 -31.61 1.38
N GLU B 86 29.85 -32.85 1.42
CA GLU B 86 31.24 -33.16 1.78
C GLU B 86 32.26 -32.24 1.09
N GLU B 87 32.07 -32.01 -0.20
CA GLU B 87 32.95 -31.13 -0.98
C GLU B 87 32.88 -29.69 -0.45
N VAL B 88 31.66 -29.21 -0.14
CA VAL B 88 31.48 -27.84 0.32
C VAL B 88 31.99 -27.67 1.76
N ASN B 89 31.76 -28.69 2.58
CA ASN B 89 32.29 -28.72 3.95
C ASN B 89 33.81 -28.60 3.98
N LYS B 90 34.49 -29.52 3.28
CA LYS B 90 35.94 -29.54 3.25
C LYS B 90 36.52 -28.24 2.68
N GLU B 91 35.80 -27.61 1.77
CA GLU B 91 36.27 -26.38 1.15
C GLU B 91 36.10 -25.19 2.09
N ILE B 92 35.06 -25.19 2.89
CA ILE B 92 34.87 -24.15 3.90
C ILE B 92 35.95 -24.28 4.96
N ASP B 93 36.27 -25.52 5.32
CA ASP B 93 37.34 -25.77 6.29
C ASP B 93 38.66 -25.21 5.79
N THR B 94 39.05 -25.64 4.60
CA THR B 94 40.39 -25.40 4.11
C THR B 94 40.58 -24.01 3.50
N THR B 95 39.50 -23.27 3.31
CA THR B 95 39.60 -21.95 2.66
C THR B 95 38.68 -20.88 3.26
N SER B 96 37.89 -21.25 4.26
CA SER B 96 36.96 -20.34 4.93
C SER B 96 35.81 -19.88 4.01
N THR B 97 35.79 -20.37 2.78
CA THR B 97 34.71 -20.04 1.84
C THR B 97 34.43 -21.25 0.96
N TYR B 98 33.59 -21.07 -0.05
CA TYR B 98 33.42 -22.09 -1.08
C TYR B 98 32.90 -21.49 -2.38
N GLN B 99 33.08 -22.24 -3.47
CA GLN B 99 32.66 -21.76 -4.78
C GLN B 99 31.47 -22.56 -5.27
N LEU B 100 30.56 -21.89 -5.96
CA LEU B 100 29.34 -22.51 -6.47
C LEU B 100 29.58 -23.09 -7.85
N LYS B 101 28.99 -24.26 -8.10
CA LYS B 101 28.96 -24.86 -9.43
C LYS B 101 28.21 -23.94 -10.36
N ASP B 102 28.54 -24.01 -11.64
CA ASP B 102 27.82 -23.24 -12.64
C ASP B 102 26.29 -23.39 -12.50
N THR B 103 25.82 -24.63 -12.43
CA THR B 103 24.39 -24.89 -12.34
C THR B 103 23.77 -24.31 -11.07
N GLU B 104 24.51 -24.39 -9.97
CA GLU B 104 24.04 -23.83 -8.72
C GLU B 104 23.90 -22.31 -8.85
N LEU B 105 24.85 -21.70 -9.56
CA LEU B 105 24.87 -20.25 -9.73
C LEU B 105 23.64 -19.78 -10.51
N ILE B 106 23.29 -20.53 -11.54
CA ILE B 106 22.14 -20.20 -12.39
C ILE B 106 20.82 -20.43 -11.63
N TYR B 107 20.70 -21.58 -10.98
CA TYR B 107 19.58 -21.85 -10.07
C TYR B 107 19.46 -20.75 -9.01
N GLY B 108 20.60 -20.37 -8.44
CA GLY B 108 20.66 -19.35 -7.42
C GLY B 108 20.14 -18.00 -7.86
N ALA B 109 20.53 -17.57 -9.06
CA ALA B 109 20.20 -16.23 -9.53
C ALA B 109 18.72 -16.13 -9.91
N LYS B 110 18.23 -17.18 -10.57
CA LYS B 110 16.81 -17.24 -10.91
C LYS B 110 15.90 -17.24 -9.67
N HIS B 111 16.32 -17.95 -8.62
CA HIS B 111 15.45 -18.06 -7.45
C HIS B 111 15.50 -16.81 -6.58
N ALA B 112 16.58 -16.04 -6.67
CA ALA B 112 16.62 -14.73 -5.99
C ALA B 112 15.57 -13.80 -6.61
N TRP B 113 15.42 -13.90 -7.92
CA TRP B 113 14.41 -13.15 -8.64
C TRP B 113 13.01 -13.66 -8.24
N ARG B 114 12.84 -14.99 -8.27
CA ARG B 114 11.60 -15.62 -7.90
C ARG B 114 11.15 -15.22 -6.49
N ASN B 115 12.10 -15.09 -5.57
CA ASN B 115 11.81 -14.72 -4.19
C ASN B 115 11.67 -13.20 -3.92
N ALA B 116 11.84 -12.40 -4.97
CA ALA B 116 11.88 -10.96 -4.82
C ALA B 116 10.46 -10.40 -4.58
N SER B 117 10.09 -10.23 -3.31
CA SER B 117 8.71 -9.91 -2.95
CA SER B 117 8.71 -9.89 -2.93
C SER B 117 8.20 -8.59 -3.55
N ARG B 118 9.11 -7.69 -3.92
CA ARG B 118 8.72 -6.39 -4.45
C ARG B 118 8.58 -6.32 -5.96
N CYS B 119 8.72 -7.45 -6.64
CA CYS B 119 8.81 -7.41 -8.08
C CYS B 119 7.54 -7.94 -8.72
N VAL B 120 6.88 -7.06 -9.46
CA VAL B 120 5.64 -7.39 -10.14
C VAL B 120 5.89 -8.22 -11.42
N GLY B 121 7.16 -8.35 -11.82
CA GLY B 121 7.46 -8.99 -13.10
C GLY B 121 7.91 -10.44 -13.03
N ARG B 122 7.72 -11.07 -11.88
CA ARG B 122 8.29 -12.40 -11.65
C ARG B 122 7.68 -13.55 -12.44
N ILE B 123 6.66 -13.28 -13.24
CA ILE B 123 6.11 -14.32 -14.08
C ILE B 123 7.18 -14.80 -15.07
N GLN B 124 8.20 -13.96 -15.26
CA GLN B 124 9.30 -14.21 -16.17
C GLN B 124 10.53 -14.87 -15.53
N TRP B 125 10.47 -15.16 -14.23
CA TRP B 125 11.68 -15.45 -13.44
C TRP B 125 12.61 -16.56 -13.99
N SER B 126 12.08 -17.59 -14.61
CA SER B 126 12.94 -18.68 -15.06
C SER B 126 13.54 -18.41 -16.44
N LYS B 127 13.01 -17.40 -17.17
CA LYS B 127 13.64 -16.90 -18.40
C LYS B 127 14.62 -15.79 -18.06
N LEU B 128 15.81 -16.19 -17.63
CA LEU B 128 16.83 -15.24 -17.18
C LEU B 128 18.22 -15.63 -17.71
N GLN B 129 18.87 -14.73 -18.42
CA GLN B 129 20.20 -15.04 -18.94
C GLN B 129 21.22 -14.72 -17.88
N VAL B 130 22.03 -15.71 -17.52
CA VAL B 130 22.96 -15.56 -16.42
C VAL B 130 24.40 -15.52 -16.94
N PHE B 131 25.07 -14.39 -16.76
CA PHE B 131 26.47 -14.30 -17.17
C PHE B 131 27.41 -14.43 -15.98
N ASP B 132 28.15 -15.53 -15.95
CA ASP B 132 29.12 -15.77 -14.89
C ASP B 132 30.39 -14.98 -15.16
N ALA B 133 30.62 -13.95 -14.35
CA ALA B 133 31.80 -13.10 -14.45
C ALA B 133 32.67 -13.27 -13.22
N ARG B 134 32.65 -14.46 -12.61
CA ARG B 134 33.39 -14.63 -11.36
C ARG B 134 34.91 -14.77 -11.57
N ASP B 135 35.37 -14.80 -12.81
CA ASP B 135 36.80 -14.85 -13.11
C ASP B 135 37.37 -13.45 -13.27
N CYS B 136 36.52 -12.44 -13.12
CA CYS B 136 36.92 -11.06 -13.37
C CYS B 136 37.87 -10.53 -12.29
N THR B 137 38.89 -9.75 -12.69
CA THR B 137 39.89 -9.26 -11.73
C THR B 137 40.11 -7.73 -11.71
N THR B 138 39.66 -7.04 -12.75
CA THR B 138 39.92 -5.60 -12.86
C THR B 138 38.69 -4.82 -13.31
N ALA B 139 38.72 -3.51 -13.04
CA ALA B 139 37.67 -2.61 -13.48
C ALA B 139 37.46 -2.67 -15.00
N HIS B 140 38.56 -2.80 -15.75
CA HIS B 140 38.45 -2.94 -17.20
C HIS B 140 37.66 -4.19 -17.56
N GLY B 141 37.97 -5.30 -16.91
CA GLY B 141 37.24 -6.53 -17.16
C GLY B 141 35.76 -6.38 -16.84
N MET B 142 35.47 -5.59 -15.82
CA MET B 142 34.09 -5.34 -15.40
C MET B 142 33.39 -4.58 -16.51
N PHE B 143 34.10 -3.58 -17.05
CA PHE B 143 33.59 -2.78 -18.15
C PHE B 143 33.18 -3.66 -19.32
N ASN B 144 34.07 -4.61 -19.62
CA ASN B 144 33.87 -5.54 -20.72
C ASN B 144 32.58 -6.37 -20.52
N TYR B 145 32.49 -7.05 -19.40
CA TYR B 145 31.31 -7.86 -19.07
C TYR B 145 30.03 -7.01 -19.15
N ILE B 146 30.13 -5.76 -18.72
CA ILE B 146 28.96 -4.92 -18.64
C ILE B 146 28.50 -4.51 -20.03
N CYS B 147 29.44 -4.19 -20.91
CA CYS B 147 29.07 -3.87 -22.29
C CYS B 147 28.43 -5.07 -22.97
N ASN B 148 29.01 -6.24 -22.76
CA ASN B 148 28.40 -7.47 -23.30
C ASN B 148 26.95 -7.65 -22.77
N HIS B 149 26.76 -7.40 -21.47
CA HIS B 149 25.45 -7.49 -20.85
C HIS B 149 24.47 -6.53 -21.55
N VAL B 150 24.85 -5.26 -21.63
CA VAL B 150 23.96 -4.23 -22.14
C VAL B 150 23.58 -4.52 -23.59
N LYS B 151 24.55 -4.97 -24.38
CA LYS B 151 24.32 -5.34 -25.76
C LYS B 151 23.34 -6.52 -25.85
N TYR B 152 23.59 -7.56 -25.06
CA TYR B 152 22.71 -8.72 -25.09
C TYR B 152 21.26 -8.38 -24.62
N ALA B 153 21.13 -7.64 -23.52
CA ALA B 153 19.82 -7.37 -22.94
C ALA B 153 19.01 -6.44 -23.84
N THR B 154 19.69 -5.53 -24.52
CA THR B 154 19.00 -4.52 -25.33
C THR B 154 18.43 -5.16 -26.59
N ASN B 155 19.24 -5.97 -27.28
CA ASN B 155 18.75 -6.79 -28.41
C ASN B 155 17.92 -5.95 -29.39
N LYS B 156 18.42 -4.75 -29.67
CA LYS B 156 17.80 -3.83 -30.63
C LYS B 156 16.33 -3.53 -30.37
N GLY B 157 15.92 -3.53 -29.09
CA GLY B 157 14.56 -3.20 -28.72
C GLY B 157 13.76 -4.37 -28.18
N ASN B 158 14.19 -5.58 -28.54
CA ASN B 158 13.53 -6.79 -28.05
C ASN B 158 14.20 -7.26 -26.77
N LEU B 159 13.98 -6.50 -25.70
CA LEU B 159 14.76 -6.64 -24.48
C LEU B 159 14.66 -8.04 -23.88
N ARG B 160 15.78 -8.50 -23.35
CA ARG B 160 15.91 -9.84 -22.81
C ARG B 160 16.47 -9.74 -21.42
N SER B 161 15.86 -10.46 -20.47
CA SER B 161 16.28 -10.40 -19.08
C SER B 161 17.65 -10.98 -18.88
N ALA B 162 18.50 -10.29 -18.13
CA ALA B 162 19.82 -10.82 -17.82
C ALA B 162 20.39 -10.32 -16.50
N ILE B 163 21.37 -11.06 -15.98
CA ILE B 163 22.16 -10.64 -14.82
C ILE B 163 23.61 -11.04 -15.05
N THR B 164 24.54 -10.22 -14.57
CA THR B 164 25.97 -10.52 -14.64
C THR B 164 26.57 -10.56 -13.26
N ILE B 165 27.26 -11.66 -12.94
CA ILE B 165 27.67 -11.87 -11.55
C ILE B 165 29.19 -11.88 -11.39
N PHE B 166 29.68 -10.85 -10.70
CA PHE B 166 31.10 -10.66 -10.45
C PHE B 166 31.56 -11.40 -9.18
N PRO B 167 32.88 -11.48 -8.90
CA PRO B 167 33.30 -12.36 -7.80
C PRO B 167 32.71 -12.01 -6.42
N GLN B 168 32.50 -13.04 -5.61
CA GLN B 168 31.87 -12.91 -4.30
C GLN B 168 32.77 -12.19 -3.31
N ARG B 169 32.16 -11.71 -2.22
CA ARG B 169 32.90 -11.06 -1.16
C ARG B 169 33.80 -12.07 -0.48
N THR B 170 34.98 -11.61 -0.05
CA THR B 170 35.92 -12.47 0.64
C THR B 170 36.14 -11.97 2.07
N ASP B 171 37.16 -11.15 2.25
CA ASP B 171 37.48 -10.61 3.55
C ASP B 171 36.84 -9.24 3.76
N GLY B 172 36.07 -8.80 2.77
CA GLY B 172 35.39 -7.52 2.86
C GLY B 172 36.23 -6.30 2.53
N LYS B 173 37.50 -6.50 2.19
CA LYS B 173 38.34 -5.39 1.76
C LYS B 173 38.62 -5.48 0.26
N HIS B 174 38.11 -6.53 -0.37
CA HIS B 174 38.35 -6.75 -1.78
C HIS B 174 37.06 -6.81 -2.60
N ASP B 175 36.12 -5.93 -2.26
CA ASP B 175 34.80 -5.96 -2.86
C ASP B 175 34.76 -5.50 -4.33
N PHE B 176 34.01 -6.23 -5.13
CA PHE B 176 33.61 -5.76 -6.44
C PHE B 176 32.30 -4.94 -6.28
N ARG B 177 32.29 -3.71 -6.80
CA ARG B 177 31.09 -2.87 -6.75
C ARG B 177 30.90 -2.10 -8.05
N VAL B 178 29.66 -2.05 -8.52
CA VAL B 178 29.27 -1.08 -9.53
C VAL B 178 28.73 0.11 -8.73
N TRP B 179 29.36 1.27 -8.86
CA TRP B 179 28.96 2.42 -8.05
C TRP B 179 27.69 3.09 -8.58
N ASN B 180 27.44 2.99 -9.88
CA ASN B 180 26.14 3.41 -10.41
C ASN B 180 25.00 2.66 -9.71
N SER B 181 23.84 3.31 -9.57
CA SER B 181 22.66 2.63 -9.04
C SER B 181 22.01 1.88 -10.18
N GLN B 182 22.22 2.37 -11.41
CA GLN B 182 21.81 1.65 -12.61
C GLN B 182 22.89 1.81 -13.67
N LEU B 183 23.05 0.81 -14.54
CA LEU B 183 24.03 0.89 -15.63
C LEU B 183 23.83 2.13 -16.49
N ILE B 184 22.58 2.38 -16.87
CA ILE B 184 22.24 3.58 -17.63
C ILE B 184 21.34 4.52 -16.81
N ARG B 185 21.80 5.74 -16.58
CA ARG B 185 21.03 6.75 -15.84
C ARG B 185 21.48 8.15 -16.22
N TYR B 186 20.58 9.12 -16.09
CA TYR B 186 20.95 10.48 -16.50
C TYR B 186 21.58 11.26 -15.36
N ALA B 187 22.51 12.14 -15.72
CA ALA B 187 23.20 12.98 -14.76
C ALA B 187 22.26 14.01 -14.14
N GLY B 188 22.63 14.51 -12.97
CA GLY B 188 21.89 15.59 -12.35
C GLY B 188 22.84 16.63 -11.79
N TYR B 189 22.58 17.91 -12.07
CA TYR B 189 23.51 18.99 -11.74
C TYR B 189 22.92 20.01 -10.77
N LYS B 190 23.74 20.46 -9.83
CA LYS B 190 23.35 21.52 -8.92
C LYS B 190 23.64 22.89 -9.55
N GLN B 191 22.59 23.67 -9.78
CA GLN B 191 22.72 24.94 -10.50
C GLN B 191 23.16 26.08 -9.59
N PRO B 192 23.68 27.17 -10.18
CA PRO B 192 24.13 28.29 -9.36
C PRO B 192 22.98 28.94 -8.59
N ASP B 193 21.77 28.85 -9.13
CA ASP B 193 20.62 29.50 -8.51
C ASP B 193 19.82 28.58 -7.61
N GLY B 194 20.28 27.34 -7.46
CA GLY B 194 19.68 26.42 -6.51
C GLY B 194 18.90 25.29 -7.15
N SER B 195 18.41 25.49 -8.37
CA SER B 195 17.63 24.47 -9.06
C SER B 195 18.51 23.32 -9.53
N THR B 196 17.90 22.28 -10.09
CA THR B 196 18.64 21.14 -10.59
C THR B 196 18.42 20.92 -12.08
N LEU B 197 19.51 20.76 -12.81
CA LEU B 197 19.44 20.38 -14.21
C LEU B 197 19.56 18.86 -14.33
N GLY B 198 18.55 18.23 -14.92
CA GLY B 198 18.55 16.78 -15.10
C GLY B 198 17.87 16.02 -13.97
N ASP B 199 18.40 14.84 -13.66
CA ASP B 199 17.79 13.95 -12.68
C ASP B 199 18.38 14.22 -11.29
N PRO B 200 17.56 14.77 -10.39
CA PRO B 200 18.03 15.13 -9.04
C PRO B 200 18.47 13.92 -8.22
N ALA B 201 17.92 12.74 -8.54
CA ALA B 201 18.24 11.53 -7.80
C ALA B 201 19.72 11.16 -7.93
N ASN B 202 20.37 11.71 -8.94
CA ASN B 202 21.75 11.36 -9.25
C ASN B 202 22.73 12.50 -9.09
N VAL B 203 22.31 13.55 -8.40
CA VAL B 203 23.15 14.73 -8.24
C VAL B 203 24.43 14.38 -7.50
N GLN B 204 24.34 13.62 -6.42
CA GLN B 204 25.54 13.29 -5.68
C GLN B 204 26.48 12.41 -6.50
N PHE B 205 25.96 11.34 -7.07
CA PHE B 205 26.77 10.46 -7.92
C PHE B 205 27.44 11.27 -9.04
N THR B 206 26.67 12.13 -9.70
CA THR B 206 27.19 12.97 -10.78
C THR B 206 28.40 13.79 -10.31
N GLU B 207 28.35 14.25 -9.05
CA GLU B 207 29.43 15.06 -8.50
C GLU B 207 30.67 14.22 -8.23
N ILE B 208 30.46 12.97 -7.87
CA ILE B 208 31.57 12.04 -7.65
C ILE B 208 32.29 11.72 -8.97
N CYS B 209 31.51 11.54 -10.03
CA CYS B 209 32.08 11.32 -11.35
C CYS B 209 32.86 12.53 -11.85
N ILE B 210 32.34 13.73 -11.62
CA ILE B 210 33.05 14.93 -12.04
C ILE B 210 34.33 15.11 -11.22
N GLN B 211 34.23 14.87 -9.90
CA GLN B 211 35.41 14.83 -9.03
C GLN B 211 36.46 13.84 -9.55
N GLN B 212 36.02 12.75 -10.17
CA GLN B 212 36.96 11.72 -10.61
C GLN B 212 37.52 11.98 -12.02
N GLY B 213 37.05 13.02 -12.69
CA GLY B 213 37.65 13.41 -13.95
C GLY B 213 36.66 13.55 -15.09
N TRP B 214 35.42 13.15 -14.85
CA TRP B 214 34.40 13.18 -15.89
C TRP B 214 34.09 14.60 -16.34
N LYS B 215 34.01 14.77 -17.65
CA LYS B 215 33.71 16.07 -18.24
C LYS B 215 32.25 16.10 -18.65
N PRO B 216 31.41 16.76 -17.84
CA PRO B 216 29.97 16.73 -18.07
C PRO B 216 29.53 17.61 -19.24
N PRO B 217 28.67 17.08 -20.11
CA PRO B 217 28.02 17.90 -21.15
C PRO B 217 27.06 18.95 -20.54
N ARG B 218 26.70 18.76 -19.27
CA ARG B 218 25.76 19.61 -18.56
C ARG B 218 24.50 19.89 -19.35
N GLY B 219 23.80 18.81 -19.68
CA GLY B 219 22.51 18.88 -20.34
C GLY B 219 21.51 18.19 -19.43
N ARG B 220 20.30 18.00 -19.93
CA ARG B 220 19.24 17.45 -19.09
C ARG B 220 19.23 15.92 -19.09
N PHE B 221 19.68 15.33 -20.19
CA PHE B 221 19.71 13.87 -20.32
C PHE B 221 21.08 13.36 -20.75
N ASP B 222 22.08 13.58 -19.90
CA ASP B 222 23.43 13.09 -20.16
C ASP B 222 23.63 11.70 -19.56
N VAL B 223 23.88 10.71 -20.42
CA VAL B 223 24.17 9.38 -19.94
C VAL B 223 25.45 9.40 -19.10
N LEU B 224 25.35 8.88 -17.89
CA LEU B 224 26.46 8.91 -16.92
C LEU B 224 27.49 7.86 -17.27
N PRO B 225 28.76 8.11 -16.89
CA PRO B 225 29.80 7.10 -17.09
C PRO B 225 29.65 5.93 -16.11
N LEU B 226 30.29 4.80 -16.41
CA LEU B 226 30.34 3.71 -15.46
C LEU B 226 31.46 4.00 -14.48
N LEU B 227 31.26 3.66 -13.22
CA LEU B 227 32.25 3.85 -12.17
C LEU B 227 32.48 2.51 -11.49
N LEU B 228 33.51 1.79 -11.94
CA LEU B 228 33.66 0.40 -11.55
C LEU B 228 34.80 0.14 -10.57
N GLN B 229 34.49 -0.64 -9.53
CA GLN B 229 35.44 -1.00 -8.47
C GLN B 229 35.68 -2.50 -8.49
N ALA B 230 36.94 -2.88 -8.60
CA ALA B 230 37.29 -4.29 -8.65
C ALA B 230 38.21 -4.63 -7.50
N ASN B 231 37.91 -5.72 -6.82
CA ASN B 231 38.80 -6.25 -5.78
C ASN B 231 39.12 -5.24 -4.69
N GLY B 232 38.22 -4.29 -4.47
CA GLY B 232 38.41 -3.28 -3.43
C GLY B 232 39.32 -2.10 -3.76
N ASN B 233 39.76 -1.99 -5.01
CA ASN B 233 40.58 -0.84 -5.39
C ASN B 233 39.71 0.37 -5.70
N ASP B 234 40.33 1.55 -5.75
CA ASP B 234 39.65 2.76 -6.20
C ASP B 234 38.84 2.52 -7.47
N PRO B 235 37.63 3.10 -7.55
CA PRO B 235 36.82 2.93 -8.76
C PRO B 235 37.44 3.61 -9.99
N GLU B 236 37.07 3.16 -11.18
CA GLU B 236 37.56 3.72 -12.44
C GLU B 236 36.38 4.11 -13.37
N LEU B 237 36.56 5.17 -14.16
CA LEU B 237 35.52 5.70 -15.04
C LEU B 237 35.59 5.09 -16.45
N PHE B 238 34.43 4.80 -17.04
CA PHE B 238 34.36 4.27 -18.41
C PHE B 238 33.15 4.80 -19.15
N GLN B 239 33.32 5.13 -20.42
CA GLN B 239 32.19 5.55 -21.23
C GLN B 239 31.57 4.37 -21.97
N ILE B 240 30.30 4.11 -21.69
CA ILE B 240 29.52 3.15 -22.44
C ILE B 240 29.48 3.56 -23.91
N PRO B 241 29.84 2.65 -24.83
CA PRO B 241 29.77 3.00 -26.25
C PRO B 241 28.35 3.45 -26.62
N PRO B 242 28.21 4.71 -27.03
CA PRO B 242 26.90 5.34 -27.25
C PRO B 242 25.98 4.52 -28.15
N GLU B 243 26.55 3.72 -29.05
CA GLU B 243 25.73 2.89 -29.93
C GLU B 243 25.06 1.75 -29.18
N LEU B 244 25.50 1.46 -27.96
CA LEU B 244 24.84 0.43 -27.14
C LEU B 244 23.69 0.98 -26.28
N VAL B 245 23.58 2.30 -26.14
CA VAL B 245 22.53 2.91 -25.31
C VAL B 245 21.26 3.21 -26.11
N LEU B 246 20.21 2.42 -25.91
CA LEU B 246 18.98 2.60 -26.68
C LEU B 246 18.07 3.61 -25.98
N GLU B 247 17.65 4.63 -26.72
CA GLU B 247 16.81 5.68 -26.16
C GLU B 247 15.52 5.89 -26.97
N VAL B 248 14.50 6.45 -26.31
CA VAL B 248 13.20 6.68 -26.91
C VAL B 248 12.79 8.14 -26.71
N PRO B 249 12.58 8.89 -27.79
CA PRO B 249 12.06 10.24 -27.60
C PRO B 249 10.60 10.14 -27.22
N ILE B 250 10.12 10.90 -26.25
CA ILE B 250 8.73 10.76 -25.84
C ILE B 250 7.85 11.76 -26.56
N ARG B 251 6.87 11.23 -27.30
CA ARG B 251 5.85 12.05 -27.95
C ARG B 251 4.46 11.46 -27.67
N HIS B 252 3.44 12.28 -27.91
CA HIS B 252 2.06 11.95 -27.53
C HIS B 252 1.19 11.72 -28.78
N PRO B 253 0.31 10.70 -28.74
CA PRO B 253 -0.50 10.34 -29.91
C PRO B 253 -1.57 11.37 -30.32
N LYS B 254 -1.91 12.32 -29.45
CA LYS B 254 -2.91 13.34 -29.82
C LYS B 254 -2.30 14.74 -29.76
N PHE B 255 -1.53 15.00 -28.71
CA PHE B 255 -0.92 16.30 -28.50
C PHE B 255 0.36 16.41 -29.30
N GLU B 256 0.34 17.23 -30.34
CA GLU B 256 1.52 17.39 -31.17
C GLU B 256 2.60 18.19 -30.43
N TRP B 257 2.19 19.03 -29.48
CA TRP B 257 3.13 19.87 -28.78
C TRP B 257 3.98 19.11 -27.77
N PHE B 258 3.64 17.85 -27.54
CA PHE B 258 4.29 17.09 -26.48
C PHE B 258 5.75 16.81 -26.80
N LYS B 259 6.07 16.63 -28.08
CA LYS B 259 7.45 16.37 -28.44
C LYS B 259 8.29 17.61 -28.14
N ASP B 260 7.66 18.78 -28.20
CA ASP B 260 8.33 20.06 -27.94
C ASP B 260 8.87 20.16 -26.52
N LEU B 261 8.36 19.32 -25.63
CA LEU B 261 8.87 19.25 -24.26
C LEU B 261 10.31 18.73 -24.26
N GLY B 262 10.65 17.95 -25.28
CA GLY B 262 12.00 17.46 -25.44
C GLY B 262 12.39 16.40 -24.41
N LEU B 263 11.44 15.56 -24.05
CA LEU B 263 11.68 14.46 -23.13
C LEU B 263 12.09 13.20 -23.86
N LYS B 264 13.04 12.48 -23.28
CA LYS B 264 13.46 11.17 -23.75
C LYS B 264 13.74 10.27 -22.55
N TRP B 265 13.83 8.97 -22.78
CA TRP B 265 14.30 8.06 -21.73
C TRP B 265 15.04 6.89 -22.36
N TYR B 266 15.85 6.22 -21.56
CA TYR B 266 16.53 5.00 -22.01
C TYR B 266 15.66 3.74 -21.94
N GLY B 267 15.88 2.82 -22.86
CA GLY B 267 15.09 1.60 -22.95
C GLY B 267 15.36 0.54 -21.90
N LEU B 268 16.59 0.49 -21.38
CA LEU B 268 17.04 -0.62 -20.55
C LEU B 268 17.20 -0.29 -19.04
N PRO B 269 16.31 -0.87 -18.20
CA PRO B 269 16.36 -0.68 -16.75
C PRO B 269 17.26 -1.71 -16.07
N ALA B 270 18.39 -1.27 -15.52
CA ALA B 270 19.41 -2.22 -15.11
C ALA B 270 19.95 -1.89 -13.73
N VAL B 271 19.37 -2.50 -12.72
CA VAL B 271 19.74 -2.16 -11.35
C VAL B 271 21.06 -2.84 -10.98
N SER B 272 21.96 -2.03 -10.44
CA SER B 272 23.36 -2.42 -10.33
C SER B 272 23.93 -2.17 -8.94
N ASN B 273 23.12 -1.69 -8.01
CA ASN B 273 23.66 -1.39 -6.69
C ASN B 273 23.20 -2.35 -5.60
N MET B 274 22.59 -3.47 -5.97
CA MET B 274 22.13 -4.43 -4.95
C MET B 274 23.07 -5.62 -4.78
N LEU B 275 22.85 -6.39 -3.72
CA LEU B 275 23.68 -7.54 -3.40
C LEU B 275 22.92 -8.85 -3.55
N LEU B 276 23.53 -9.81 -4.22
CA LEU B 276 22.93 -11.13 -4.38
C LEU B 276 23.49 -12.11 -3.36
N GLU B 277 22.60 -12.69 -2.56
CA GLU B 277 23.00 -13.67 -1.54
C GLU B 277 22.57 -15.08 -1.94
N ILE B 278 23.56 -15.95 -2.13
CA ILE B 278 23.31 -17.36 -2.43
C ILE B 278 24.14 -18.26 -1.54
N GLY B 279 23.47 -19.14 -0.81
CA GLY B 279 24.13 -20.16 0.00
C GLY B 279 25.10 -19.60 1.02
N GLY B 280 24.87 -18.35 1.41
CA GLY B 280 25.70 -17.70 2.41
C GLY B 280 26.76 -16.84 1.77
N LEU B 281 26.87 -16.94 0.45
CA LEU B 281 27.85 -16.18 -0.30
C LEU B 281 27.28 -14.82 -0.72
N GLU B 282 28.10 -13.78 -0.61
CA GLU B 282 27.66 -12.44 -0.97
C GLU B 282 28.29 -11.89 -2.26
N PHE B 283 27.42 -11.65 -3.24
CA PHE B 283 27.82 -11.06 -4.51
C PHE B 283 27.46 -9.57 -4.58
N SER B 284 28.42 -8.72 -4.27
CA SER B 284 28.18 -7.29 -4.14
C SER B 284 28.13 -6.54 -5.47
N ALA B 285 28.48 -7.22 -6.57
CA ALA B 285 28.28 -6.64 -7.90
C ALA B 285 27.57 -7.65 -8.77
N CYS B 286 26.34 -7.32 -9.12
CA CYS B 286 25.48 -8.24 -9.83
C CYS B 286 24.40 -7.52 -10.61
N PRO B 287 24.81 -6.65 -11.54
CA PRO B 287 23.79 -5.85 -12.21
C PRO B 287 22.78 -6.72 -12.96
N PHE B 288 21.49 -6.43 -12.79
CA PHE B 288 20.45 -7.22 -13.45
C PHE B 288 19.48 -6.34 -14.20
N SER B 289 18.87 -6.89 -15.24
CA SER B 289 18.03 -6.05 -16.07
C SER B 289 16.85 -6.83 -16.67
N GLY B 290 15.77 -6.11 -16.94
CA GLY B 290 14.60 -6.66 -17.59
C GLY B 290 14.05 -5.64 -18.57
N TRP B 291 12.77 -5.31 -18.45
CA TRP B 291 12.22 -4.19 -19.21
C TRP B 291 11.26 -3.39 -18.33
N TYR B 292 10.88 -2.20 -18.78
CA TYR B 292 10.11 -1.26 -17.97
C TYR B 292 8.62 -1.50 -17.90
N MET B 293 8.04 -1.33 -16.71
CA MET B 293 6.63 -1.05 -16.63
C MET B 293 6.49 0.46 -16.84
N GLY B 294 5.58 0.89 -17.70
CA GLY B 294 5.44 2.30 -18.04
C GLY B 294 5.44 3.29 -16.87
N THR B 295 4.77 2.94 -15.77
CA THR B 295 4.61 3.88 -14.66
C THR B 295 5.92 4.24 -13.98
N GLU B 296 6.87 3.30 -14.00
CA GLU B 296 8.21 3.55 -13.46
C GLU B 296 8.83 4.82 -14.02
N ILE B 297 8.56 5.07 -15.30
CA ILE B 297 9.04 6.25 -16.00
C ILE B 297 8.00 7.38 -15.96
N GLY B 298 6.77 7.07 -16.38
CA GLY B 298 5.73 8.08 -16.53
C GLY B 298 5.08 8.63 -15.25
N VAL B 299 5.29 7.92 -14.14
CA VAL B 299 4.79 8.40 -12.86
C VAL B 299 5.91 8.83 -11.91
N ARG B 300 6.82 7.91 -11.64
CA ARG B 300 7.87 8.12 -10.66
C ARG B 300 9.04 8.99 -11.18
N ASP B 301 9.68 8.53 -12.26
CA ASP B 301 10.84 9.25 -12.85
C ASP B 301 10.50 10.66 -13.34
N TYR B 302 9.33 10.82 -13.96
CA TYR B 302 8.95 12.12 -14.51
C TYR B 302 8.17 13.02 -13.55
N CYS B 303 7.33 12.44 -12.70
CA CYS B 303 6.40 13.26 -11.90
C CYS B 303 6.62 13.26 -10.38
N ASP B 304 7.61 12.53 -9.88
CA ASP B 304 8.00 12.69 -8.48
C ASP B 304 8.49 14.11 -8.30
N ASN B 305 8.26 14.67 -7.11
CA ASN B 305 8.71 16.01 -6.76
C ASN B 305 10.21 16.11 -6.76
N SER B 306 10.84 15.08 -6.22
CA SER B 306 12.29 15.02 -6.11
C SER B 306 12.95 14.54 -7.41
N ARG B 307 12.13 14.29 -8.44
CA ARG B 307 12.64 13.85 -9.74
C ARG B 307 12.50 14.96 -10.80
N TYR B 308 12.18 14.59 -12.03
CA TYR B 308 12.14 15.57 -13.12
C TYR B 308 11.01 16.57 -12.96
N ASN B 309 9.94 16.14 -12.29
CA ASN B 309 8.91 17.05 -11.80
C ASN B 309 8.18 17.83 -12.91
N ILE B 310 7.65 17.12 -13.90
CA ILE B 310 7.16 17.79 -15.11
C ILE B 310 5.66 18.05 -15.15
N LEU B 311 4.93 17.56 -14.16
CA LEU B 311 3.48 17.72 -14.10
C LEU B 311 3.01 19.14 -14.39
N GLU B 312 3.60 20.10 -13.69
CA GLU B 312 3.18 21.48 -13.82
C GLU B 312 3.33 21.95 -15.27
N GLU B 313 4.47 21.68 -15.88
CA GLU B 313 4.70 22.13 -17.26
C GLU B 313 3.70 21.53 -18.24
N VAL B 314 3.44 20.23 -18.11
CA VAL B 314 2.50 19.54 -18.97
C VAL B 314 1.06 20.06 -18.80
N ALA B 315 0.67 20.32 -17.56
CA ALA B 315 -0.65 20.82 -17.27
C ALA B 315 -0.83 22.22 -17.86
N LYS B 316 0.27 22.96 -17.94
CA LYS B 316 0.24 24.27 -18.58
C LYS B 316 -0.17 24.14 -20.04
N LYS B 317 0.57 23.31 -20.77
CA LYS B 317 0.32 23.12 -22.20
C LYS B 317 -1.01 22.43 -22.47
N MET B 318 -1.57 21.79 -21.45
CA MET B 318 -2.90 21.25 -21.56
C MET B 318 -3.92 22.33 -21.21
N ASN B 319 -3.43 23.45 -20.67
CA ASN B 319 -4.26 24.60 -20.30
C ASN B 319 -5.37 24.26 -19.31
N LEU B 320 -4.99 23.58 -18.23
CA LEU B 320 -5.95 23.16 -17.22
C LEU B 320 -6.05 24.19 -16.09
N ASP B 321 -7.15 24.14 -15.35
CA ASP B 321 -7.32 24.97 -14.17
C ASP B 321 -6.35 24.50 -13.09
N MET B 322 -5.26 25.25 -12.89
CA MET B 322 -4.26 24.84 -11.92
C MET B 322 -4.32 25.59 -10.59
N ARG B 323 -5.40 26.31 -10.35
CA ARG B 323 -5.57 27.09 -9.12
C ARG B 323 -6.05 26.24 -7.94
N LYS B 324 -7.03 25.36 -8.18
CA LYS B 324 -7.53 24.45 -7.17
C LYS B 324 -6.94 23.06 -7.33
N THR B 325 -6.65 22.38 -6.24
CA THR B 325 -6.22 20.99 -6.35
C THR B 325 -7.41 20.10 -6.73
N SER B 326 -8.62 20.56 -6.43
CA SER B 326 -9.81 19.74 -6.62
C SER B 326 -10.29 19.70 -8.08
N SER B 327 -9.56 20.35 -8.98
CA SER B 327 -9.74 20.16 -10.41
C SER B 327 -9.01 18.88 -10.90
N LEU B 328 -8.21 18.30 -10.01
CA LEU B 328 -7.45 17.09 -10.31
C LEU B 328 -6.60 17.27 -11.56
N TRP B 329 -6.11 18.48 -11.75
CA TRP B 329 -5.28 18.81 -12.89
C TRP B 329 -4.02 17.95 -12.89
N LYS B 330 -3.48 17.65 -11.71
CA LYS B 330 -2.32 16.78 -11.62
C LYS B 330 -2.65 15.40 -12.15
N ASP B 331 -3.81 14.87 -11.76
CA ASP B 331 -4.23 13.53 -12.16
C ASP B 331 -4.43 13.38 -13.67
N GLN B 332 -5.00 14.39 -14.28
CA GLN B 332 -5.20 14.44 -15.72
C GLN B 332 -3.87 14.47 -16.46
N ALA B 333 -3.04 15.47 -16.16
CA ALA B 333 -1.70 15.55 -16.74
C ALA B 333 -0.95 14.24 -16.56
N LEU B 334 -1.11 13.60 -15.41
CA LEU B 334 -0.38 12.37 -15.10
C LEU B 334 -0.73 11.22 -16.06
N VAL B 335 -2.03 11.05 -16.33
CA VAL B 335 -2.49 10.02 -17.25
C VAL B 335 -1.97 10.28 -18.68
N GLU B 336 -1.92 11.55 -19.09
CA GLU B 336 -1.45 11.87 -20.43
C GLU B 336 0.06 11.58 -20.62
N ILE B 337 0.85 11.85 -19.60
CA ILE B 337 2.29 11.60 -19.67
C ILE B 337 2.54 10.10 -19.83
N ASN B 338 1.79 9.29 -19.09
CA ASN B 338 1.94 7.84 -19.16
C ASN B 338 1.39 7.25 -20.47
N ILE B 339 0.42 7.93 -21.07
CA ILE B 339 0.00 7.56 -22.43
C ILE B 339 1.13 7.82 -23.41
N ALA B 340 1.81 8.96 -23.23
CA ALA B 340 2.91 9.35 -24.12
C ALA B 340 4.04 8.34 -24.02
N VAL B 341 4.35 7.88 -22.81
CA VAL B 341 5.49 6.99 -22.60
C VAL B 341 5.23 5.64 -23.27
N LEU B 342 4.04 5.09 -23.01
CA LEU B 342 3.67 3.83 -23.62
C LEU B 342 3.61 3.93 -25.16
N TYR B 343 3.07 5.03 -25.65
CA TYR B 343 2.88 5.23 -27.07
C TYR B 343 4.20 5.30 -27.82
N SER B 344 5.21 5.91 -27.19
CA SER B 344 6.51 6.16 -27.79
C SER B 344 7.34 4.89 -27.86
N PHE B 345 7.37 4.16 -26.76
CA PHE B 345 8.11 2.93 -26.70
C PHE B 345 7.55 1.93 -27.70
N GLN B 346 6.24 1.86 -27.78
CA GLN B 346 5.62 0.89 -28.67
C GLN B 346 5.90 1.25 -30.13
N SER B 347 5.86 2.53 -30.45
CA SER B 347 6.09 2.97 -31.82
C SER B 347 7.55 2.76 -32.22
N ASP B 348 8.45 2.76 -31.24
CA ASP B 348 9.86 2.52 -31.52
C ASP B 348 10.19 1.05 -31.38
N LYS B 349 9.16 0.21 -31.23
CA LYS B 349 9.34 -1.23 -31.07
C LYS B 349 10.26 -1.61 -29.90
N VAL B 350 10.28 -0.77 -28.86
CA VAL B 350 11.02 -1.11 -27.65
C VAL B 350 10.10 -1.74 -26.61
N THR B 351 10.49 -2.92 -26.11
CA THR B 351 9.71 -3.66 -25.12
C THR B 351 9.35 -2.79 -23.89
N ILE B 352 8.06 -2.76 -23.59
CA ILE B 352 7.52 -2.03 -22.44
C ILE B 352 6.23 -2.72 -22.06
N VAL B 353 5.82 -2.57 -20.80
CA VAL B 353 4.55 -3.15 -20.36
C VAL B 353 3.73 -2.13 -19.55
N ASP B 354 2.43 -2.07 -19.80
CA ASP B 354 1.59 -1.17 -19.05
C ASP B 354 1.22 -1.86 -17.74
N HIS B 355 0.84 -1.07 -16.74
CA HIS B 355 0.61 -1.58 -15.41
C HIS B 355 -0.64 -2.46 -15.33
N HIS B 356 -1.56 -2.32 -16.30
CA HIS B 356 -2.73 -3.21 -16.33
C HIS B 356 -2.33 -4.62 -16.73
N SER B 357 -1.59 -4.73 -17.83
CA SER B 357 -1.12 -6.04 -18.28
C SER B 357 -0.16 -6.69 -17.25
N ALA B 358 0.73 -5.89 -16.68
CA ALA B 358 1.72 -6.43 -15.73
C ALA B 358 1.08 -6.93 -14.43
N THR B 359 0.12 -6.19 -13.90
CA THR B 359 -0.53 -6.62 -12.65
C THR B 359 -1.43 -7.85 -12.93
N GLU B 360 -2.08 -7.86 -14.07
CA GLU B 360 -2.81 -9.02 -14.55
C GLU B 360 -1.93 -10.29 -14.60
N SER B 361 -0.71 -10.13 -15.11
CA SER B 361 0.21 -11.26 -15.20
CA SER B 361 0.24 -11.24 -15.20
C SER B 361 0.67 -11.70 -13.82
N PHE B 362 0.91 -10.74 -12.93
CA PHE B 362 1.34 -11.10 -11.58
C PHE B 362 0.29 -11.95 -10.86
N ILE B 363 -0.99 -11.55 -10.97
CA ILE B 363 -2.09 -12.33 -10.39
C ILE B 363 -2.04 -13.76 -10.93
N LYS B 364 -1.79 -13.89 -12.22
CA LYS B 364 -1.65 -15.21 -12.83
C LYS B 364 -0.40 -15.94 -12.29
N HIS B 365 0.69 -15.20 -12.10
CA HIS B 365 1.92 -15.76 -11.52
C HIS B 365 1.66 -16.26 -10.09
N MET B 366 0.99 -15.46 -9.26
CA MET B 366 0.61 -15.89 -7.92
C MET B 366 -0.12 -17.23 -7.96
N GLU B 367 -1.08 -17.34 -8.89
CA GLU B 367 -1.89 -18.55 -9.06
C GLU B 367 -0.97 -19.76 -9.29
N ASN B 368 -0.10 -19.66 -10.29
CA ASN B 368 0.87 -20.69 -10.59
C ASN B 368 1.77 -21.07 -9.41
N GLU B 369 2.27 -20.06 -8.70
CA GLU B 369 3.18 -20.30 -7.57
C GLU B 369 2.52 -20.95 -6.36
N TYR B 370 1.28 -20.56 -6.08
CA TYR B 370 0.58 -21.22 -5.00
C TYR B 370 0.35 -22.66 -5.38
N ARG B 371 0.15 -22.91 -6.68
CA ARG B 371 -0.10 -24.25 -7.17
C ARG B 371 1.14 -25.14 -7.09
N CYS B 372 2.27 -24.67 -7.61
CA CYS B 372 3.43 -25.55 -7.76
C CYS B 372 4.43 -25.44 -6.62
N ARG B 373 4.32 -24.37 -5.82
CA ARG B 373 5.30 -24.07 -4.78
C ARG B 373 4.65 -23.92 -3.39
N GLY B 374 3.32 -23.75 -3.38
CA GLY B 374 2.58 -23.62 -2.14
C GLY B 374 2.67 -22.22 -1.55
N GLY B 375 3.04 -21.26 -2.39
CA GLY B 375 3.03 -19.87 -2.01
C GLY B 375 3.89 -18.97 -2.89
N CYS B 376 3.78 -17.67 -2.64
CA CYS B 376 4.54 -16.65 -3.34
C CYS B 376 4.59 -15.40 -2.43
N PRO B 377 5.80 -15.07 -1.95
CA PRO B 377 5.98 -13.85 -1.17
C PRO B 377 5.73 -12.61 -2.00
N ALA B 378 4.91 -11.69 -1.50
CA ALA B 378 4.63 -10.47 -2.23
C ALA B 378 4.40 -9.28 -1.31
N ASP B 379 5.02 -8.18 -1.70
CA ASP B 379 4.96 -6.94 -0.97
C ASP B 379 3.88 -6.05 -1.58
N TRP B 380 2.69 -6.07 -0.99
CA TRP B 380 1.53 -5.34 -1.53
C TRP B 380 1.86 -3.86 -1.75
N VAL B 381 2.53 -3.25 -0.78
CA VAL B 381 2.99 -1.88 -0.88
C VAL B 381 3.78 -1.57 -2.18
N TRP B 382 4.60 -2.51 -2.63
CA TRP B 382 5.42 -2.26 -3.82
C TRP B 382 4.78 -2.79 -5.10
N ILE B 383 3.98 -3.83 -4.98
CA ILE B 383 3.33 -4.47 -6.14
C ILE B 383 2.22 -3.59 -6.74
N VAL B 384 1.44 -2.89 -5.90
CA VAL B 384 0.39 -2.02 -6.42
C VAL B 384 1.04 -0.85 -7.11
N PRO B 385 0.62 -0.56 -8.34
CA PRO B 385 1.24 0.52 -9.12
C PRO B 385 1.01 1.88 -8.43
N PRO B 386 1.83 2.89 -8.78
CA PRO B 386 1.73 4.23 -8.17
C PRO B 386 0.62 5.12 -8.75
N MET B 387 -0.16 4.62 -9.72
CA MET B 387 -1.37 5.31 -10.16
C MET B 387 -2.45 4.28 -10.44
N SER B 388 -3.71 4.70 -10.44
CA SER B 388 -4.80 3.81 -10.84
C SER B 388 -4.79 2.46 -10.08
N GLY B 389 -4.38 2.51 -8.82
CA GLY B 389 -4.24 1.33 -8.00
C GLY B 389 -5.45 0.43 -7.98
N SER B 390 -6.62 0.94 -7.58
CA SER B 390 -7.77 0.05 -7.39
C SER B 390 -8.42 -0.42 -8.67
N ILE B 391 -8.09 0.19 -9.82
CA ILE B 391 -8.57 -0.42 -11.06
C ILE B 391 -7.56 -1.42 -11.67
N THR B 392 -6.55 -1.82 -10.89
CA THR B 392 -5.69 -2.97 -11.25
C THR B 392 -6.02 -4.11 -10.29
N PRO B 393 -5.91 -5.36 -10.78
CA PRO B 393 -6.30 -6.53 -9.99
C PRO B 393 -5.52 -6.71 -8.68
N VAL B 394 -4.28 -6.22 -8.59
CA VAL B 394 -3.49 -6.45 -7.38
C VAL B 394 -3.97 -5.63 -6.16
N PHE B 395 -4.69 -4.54 -6.38
CA PHE B 395 -5.18 -3.76 -5.24
C PHE B 395 -6.06 -4.63 -4.33
N HIS B 396 -6.89 -5.47 -4.96
CA HIS B 396 -7.87 -6.27 -4.23
C HIS B 396 -7.35 -7.63 -3.83
N GLN B 397 -6.05 -7.87 -4.06
CA GLN B 397 -5.42 -9.16 -3.80
C GLN B 397 -4.65 -9.16 -2.50
N GLU B 398 -5.09 -9.98 -1.55
CA GLU B 398 -4.37 -10.08 -0.29
C GLU B 398 -3.04 -10.76 -0.59
N MET B 399 -1.99 -10.35 0.11
CA MET B 399 -0.68 -10.92 -0.10
C MET B 399 -0.01 -11.22 1.23
N LEU B 400 0.76 -12.31 1.26
CA LEU B 400 1.63 -12.60 2.39
C LEU B 400 3.08 -12.31 2.03
N ASN B 401 3.74 -11.54 2.89
CA ASN B 401 5.16 -11.27 2.68
C ASN B 401 6.06 -11.95 3.71
N TYR B 402 7.16 -12.50 3.21
CA TYR B 402 8.12 -13.25 3.99
C TYR B 402 9.41 -13.42 3.15
N ARG B 403 10.55 -13.60 3.83
CA ARG B 403 11.86 -13.59 3.17
C ARG B 403 12.44 -14.99 2.96
N LEU B 404 12.49 -15.40 1.70
CA LEU B 404 13.13 -16.65 1.30
C LEU B 404 14.54 -16.38 0.75
N THR B 405 15.42 -17.37 0.82
CA THR B 405 16.76 -17.23 0.22
C THR B 405 16.98 -18.34 -0.82
N PRO B 406 17.73 -18.05 -1.91
CA PRO B 406 18.49 -16.85 -2.32
C PRO B 406 17.66 -15.58 -2.45
N SER B 407 18.30 -14.45 -2.22
CA SER B 407 17.62 -13.16 -2.23
C SER B 407 18.50 -12.05 -2.77
N PHE B 408 17.85 -11.00 -3.25
CA PHE B 408 18.47 -9.71 -3.47
C PHE B 408 18.32 -8.81 -2.23
N GLU B 409 19.43 -8.22 -1.79
CA GLU B 409 19.43 -7.40 -0.58
C GLU B 409 19.98 -6.00 -0.85
N TYR B 410 19.60 -5.04 -0.04
CA TYR B 410 20.21 -3.72 -0.11
C TYR B 410 21.58 -3.79 0.51
N GLN B 411 22.45 -2.88 0.09
CA GLN B 411 23.78 -2.73 0.66
C GLN B 411 24.09 -1.25 0.70
N PRO B 412 25.01 -0.84 1.59
CA PRO B 412 25.31 0.59 1.70
C PRO B 412 25.98 1.14 0.45
N ASP B 413 25.73 2.40 0.12
CA ASP B 413 26.43 3.07 -0.99
C ASP B 413 27.92 3.02 -0.77
N PRO B 414 28.69 2.69 -1.83
CA PRO B 414 30.12 2.39 -1.70
C PRO B 414 30.95 3.56 -1.17
N TRP B 415 30.52 4.79 -1.46
CA TRP B 415 31.34 5.94 -1.09
C TRP B 415 31.36 6.17 0.44
N ASN B 416 30.40 5.59 1.15
CA ASN B 416 30.38 5.70 2.61
C ASN B 416 31.34 4.73 3.30
N THR B 417 31.83 3.75 2.54
CA THR B 417 32.63 2.65 3.11
C THR B 417 34.08 2.64 2.62
N HIS B 418 34.28 3.01 1.36
CA HIS B 418 35.59 2.89 0.73
C HIS B 418 36.59 3.90 1.28
N VAL B 419 37.83 3.44 1.46
CA VAL B 419 38.95 4.31 1.78
C VAL B 419 39.93 4.29 0.60
N TRP B 420 40.25 5.47 0.06
CA TRP B 420 40.98 5.56 -1.20
C TRP B 420 42.47 5.31 -1.05
CHA HEM C . -11.40 4.89 7.52
CHB HEM C . -11.77 9.38 5.75
CHC HEM C . -14.17 10.60 9.75
CHD HEM C . -13.07 6.41 11.86
C1A HEM C . -11.43 5.96 6.65
C2A HEM C . -11.19 5.92 5.22
C3A HEM C . -11.28 7.16 4.74
C4A HEM C . -11.59 8.03 5.84
CMA HEM C . -11.12 7.63 3.27
CAA HEM C . -10.88 4.65 4.39
CBA HEM C . -12.23 4.11 3.90
CGA HEM C . -12.08 3.26 2.67
O1A HEM C . -11.33 3.64 1.74
O2A HEM C . -12.75 2.20 2.57
C1B HEM C . -12.43 10.12 6.69
C2B HEM C . -12.72 11.53 6.59
C3B HEM C . -13.38 11.88 7.68
C4B HEM C . -13.53 10.70 8.53
CMB HEM C . -12.34 12.48 5.42
CAB HEM C . -13.85 13.34 7.92
CBB HEM C . -14.55 13.68 9.01
C1C HEM C . -14.11 9.59 10.69
C2C HEM C . -14.72 9.59 12.01
C3C HEM C . -14.42 8.42 12.61
C4C HEM C . -13.61 7.66 11.65
CMC HEM C . -15.56 10.76 12.54
CAC HEM C . -14.75 7.86 13.99
CBC HEM C . -15.26 8.61 15.00
C1D HEM C . -12.59 5.58 10.88
C2D HEM C . -12.36 4.17 11.04
C3D HEM C . -11.83 3.72 9.68
C4D HEM C . -11.81 4.89 8.84
CMD HEM C . -12.57 3.28 12.28
CAD HEM C . -11.42 2.29 9.30
CBD HEM C . -12.64 1.55 8.78
CGD HEM C . -12.21 0.13 8.55
O1D HEM C . -11.39 -0.38 9.35
O2D HEM C . -12.69 -0.47 7.58
NA HEM C . -11.68 7.27 6.98
NB HEM C . -12.93 9.64 7.89
NC HEM C . -13.45 8.39 10.51
ND HEM C . -12.25 5.97 9.58
FE HEM C . -12.25 7.92 8.83
N1 H4B D . -7.52 1.01 1.33
C2 H4B D . -8.68 1.64 1.64
N2 H4B D . -8.67 2.94 2.02
N3 H4B D . -9.86 0.98 1.60
C4 H4B D . -9.92 -0.31 1.22
O4 H4B D . -11.03 -0.89 1.19
C4A H4B D . -8.75 -0.99 0.90
C8A H4B D . -7.54 -0.29 0.95
N5 H4B D . -8.74 -2.30 0.53
N8 H4B D . -6.37 -0.92 0.65
C6 H4B D . -7.49 -3.05 0.71
C7 H4B D . -6.31 -2.29 0.13
C9 H4B D . -7.53 -4.49 0.18
O9 H4B D . -8.04 -4.51 -1.15
C10 H4B D . -6.15 -5.14 0.20
C11 H4B D . -6.16 -6.53 -0.47
O10 H4B D . -5.64 -5.28 1.53
N28 OSJ E . -16.70 -1.89 7.17
C27 OSJ E . -15.52 -1.06 7.50
C25 OSJ E . -15.22 0.03 6.46
C24 OSJ E . -14.84 -0.30 5.16
O29 OSJ E . -14.72 -1.61 4.75
C30 OSJ E . -14.95 -1.94 3.38
C31 OSJ E . -13.64 -2.23 2.65
C23 OSJ E . -14.59 0.73 4.27
C22 OSJ E . -14.69 2.07 4.64
C21 OSJ E . -15.01 2.40 5.94
C26 OSJ E . -15.31 1.38 6.82
C08 OSJ E . -15.20 3.84 6.36
C09 OSJ E . -15.13 4.92 5.48
C10 OSJ E . -15.37 6.22 5.94
C05 OSJ E . -15.69 6.44 7.27
C06 OSJ E . -15.78 5.37 8.15
C07 OSJ E . -15.52 4.09 7.68
N01 OSJ E . -15.30 7.29 5.12
C02 OSJ E . -15.53 8.56 5.53
N02 OSJ E . -15.43 9.59 4.67
C03 OSJ E . -15.86 8.80 6.87
C04 OSJ E . -15.95 7.73 7.74
C11 OSJ E . -16.32 7.92 9.18
ZN ZN F . 3.76 -6.39 9.02
CHA HEM G . 11.36 -4.19 -8.52
CHB HEM G . 9.08 -4.83 -12.73
CHC HEM G . 12.63 -7.87 -14.16
CHD HEM G . 14.35 -7.92 -9.63
C1A HEM G . 10.51 -4.01 -9.58
C2A HEM G . 9.50 -2.98 -9.71
C3A HEM G . 8.88 -3.14 -10.88
C4A HEM G . 9.46 -4.31 -11.52
CMA HEM G . 7.74 -2.29 -11.47
CAA HEM G . 9.22 -1.85 -8.70
CBA HEM G . 10.28 -0.81 -9.02
CGA HEM G . 9.89 0.52 -8.45
O1A HEM G . 8.67 0.83 -8.46
O2A HEM G . 10.76 1.30 -8.02
C1B HEM G . 9.87 -5.67 -13.49
C2B HEM G . 9.61 -6.01 -14.87
C3B HEM G . 10.56 -6.85 -15.29
C4B HEM G . 11.48 -7.08 -14.17
CMB HEM G . 8.42 -5.46 -15.70
CAB HEM G . 10.64 -7.44 -16.72
CBB HEM G . 11.42 -8.50 -17.00
C1C HEM G . 13.44 -8.14 -13.08
C2C HEM G . 14.65 -8.95 -13.05
C3C HEM G . 15.13 -8.93 -11.78
C4C HEM G . 14.22 -8.14 -10.98
CMC HEM G . 15.25 -9.63 -14.30
CAC HEM G . 16.34 -9.63 -11.13
CBC HEM G . 16.92 -10.72 -11.65
C1D HEM G . 13.72 -6.94 -8.92
C2D HEM G . 13.98 -6.62 -7.53
C3D HEM G . 13.04 -5.47 -7.21
C4D HEM G . 12.32 -5.19 -8.41
CMD HEM G . 14.97 -7.28 -6.54
CAD HEM G . 12.93 -4.77 -5.84
CBD HEM G . 13.82 -3.55 -5.84
CGD HEM G . 14.07 -3.14 -4.41
O1D HEM G . 13.77 -3.96 -3.49
O2D HEM G . 14.55 -2.01 -4.19
NA HEM G . 10.45 -4.80 -10.70
NB HEM G . 11.00 -6.35 -13.08
NC HEM G . 13.22 -7.67 -11.80
ND HEM G . 12.73 -6.08 -9.41
FE HEM G . 11.61 -6.58 -11.14
N1 H4B H . 6.55 0.90 -4.49
C2 H4B H . 7.39 0.77 -5.54
N2 H4B H . 7.03 -0.10 -6.52
N3 H4B H . 8.55 1.49 -5.60
C4 H4B H . 8.86 2.35 -4.60
O4 H4B H . 9.91 3.02 -4.64
C4A H4B H . 8.00 2.47 -3.50
C8A H4B H . 6.83 1.73 -3.46
N5 H4B H . 8.28 3.30 -2.49
N8 H4B H . 5.97 1.84 -2.43
C6 H4B H . 7.70 2.96 -1.20
C7 H4B H . 6.19 2.75 -1.32
C9 H4B H . 7.97 4.00 -0.11
O9 H4B H . 7.62 5.30 -0.58
C10 H4B H . 7.11 3.65 1.09
C11 H4B H . 7.20 4.75 2.15
O10 H4B H . 7.60 2.41 1.63
N28 OSJ I . 17.84 0.53 -6.03
C27 OSJ I . 16.89 -0.56 -5.68
C25 OSJ I . 15.59 -0.43 -6.46
C24 OSJ I . 14.58 0.42 -6.02
O29 OSJ I . 14.73 1.16 -4.88
C30 OSJ I . 13.87 2.28 -4.64
C31 OSJ I . 14.46 3.16 -3.56
C23 OSJ I . 13.40 0.50 -6.76
C22 OSJ I . 13.22 -0.25 -7.91
C21 OSJ I . 14.21 -1.11 -8.34
C26 OSJ I . 15.40 -1.19 -7.61
C08 OSJ I . 14.09 -1.93 -9.59
C09 OSJ I . 13.20 -1.61 -10.62
C10 OSJ I . 13.18 -2.40 -11.78
C05 OSJ I . 14.05 -3.49 -11.89
C06 OSJ I . 14.94 -3.79 -10.88
C07 OSJ I . 14.94 -3.02 -9.73
N01 OSJ I . 12.33 -2.15 -12.79
C02 OSJ I . 12.28 -2.90 -13.90
N02 OSJ I . 11.41 -2.61 -14.88
C03 OSJ I . 13.14 -3.98 -14.05
C04 OSJ I . 14.03 -4.27 -13.04
C11 OSJ I . 15.00 -5.42 -13.14
C1 GOL J . 11.23 -23.99 -1.92
O1 GOL J . 11.03 -24.17 -3.30
C2 GOL J . 12.12 -22.76 -1.71
O2 GOL J . 13.25 -22.86 -2.55
C3 GOL J . 12.52 -22.59 -0.24
O3 GOL J . 12.79 -23.83 0.37
#